data_7Z61
#
_entry.id   7Z61
#
_cell.length_a   142.894
_cell.length_b   67.950
_cell.length_c   107.464
_cell.angle_alpha   90.000
_cell.angle_beta   95.920
_cell.angle_gamma   90.000
#
_symmetry.space_group_name_H-M   'C 1 2 1'
#
loop_
_entity.id
_entity.type
_entity.pdbx_description
1 polymer 'Phosphatidylinositol 4,5-bisphosphate 3-kinase catalytic subunit gamma isoform'
2 non-polymer 9-[(3~{R},4~{R})-4-fluoranylpyrrolidin-3-yl]-7-methyl-2-[(7-methylquinolin-6-yl)amino]purin-8-one
#
_entity_poly.entity_id   1
_entity_poly.type   'polypeptide(L)'
_entity_poly.pdbx_seq_one_letter_code
;MSEESQAFQRQLTALIGYDVTDVSNVHDDELEFTRRGLVTPRMAEVASRDPKLYAMHPWVTSKPLPEYLWKKIANNCIFI
VIHRSTTSQTIKVSPDDTPGAILQSFFTKMAKKKSLMDIPESQSEQDFVLRVCGRDEYLVGETPIKNFQWVRHCLKNGEE
IHVVLDTPPDPALDEVRKEEWPLVDDCTGVTGYHEQLTIHGKDHESVFTVSLWDCDRKFRVKIRGIDIPVLPRNTDLTVF
VEANIQHGQQVLCQRRTSPKPFTEEVLWNVWLEFSIKIKDLPKGALLNLQIYCGKAPALSSKASAESPSSESKGKVQLLY
YVNLLLIDHRFLLRRGEYVLHMWQISGKGEDQGSFNADKLTSATNPDKENSMSISILLDNYCHPIALPKHQPTPDPEGDR
VRAEMPNQLRKQLEAIIATDPLNPLTAEDKELLWHFRYESLKHPKAYPKLFSSVKWGQQEIVAKTYQLLARREVWDQSAL
DVGLTMQLLDCNFSDENVRAIAVQKLESLEDDDVLHYLLQLVQAVKFEPYHDSALARFLLKRGLRNKRIGHFLFWFLRSE
IAQSRHYQQRFAVILEAYLRGCGTAMLHDFTQQVQVIEMLQKVTLDIKSLSAEKYDVSSQVISQLKQKLENLQNSQLPES
FRVPYDPGLKAGALAIEKCKVMASKKKPLWLEFKCADPTALSNETIGIIFKHGDDLRQDMLILQILRIMESIWETESLDL
CLLPYGCISTGDKIGMIEIVKDATTIAKIQQSTVGNTGAFKDEVLNHWLKEKSPTEEKFQAAVERFVYSCAGYCVATFVL
GIGDRHNDNIMITETGNLFHIDFGHILGNYKSFLGINKERVPFVLTPDFLFVMGTSGKKTSPHFQKFQDICVKAYLALRH
HTNLLIILFSMMLMTGMPQLTSKEDIEYIRDALTVGKNEEDAKKYFLDQIEVCRDKGWTVQFNWFLHLVLGIKQGEKHSA
HHHHHH
;
_entity_poly.pdbx_strand_id   A
#
# COMPACT_ATOMS: atom_id res chain seq x y z
N MET A 1 25.89 -15.42 23.79
CA MET A 1 24.44 -15.54 23.84
C MET A 1 23.98 -16.83 24.54
N SER A 2 22.73 -16.85 25.00
CA SER A 2 22.14 -17.99 25.68
C SER A 2 21.62 -19.02 24.68
N GLU A 3 21.43 -20.28 25.13
CA GLU A 3 20.85 -21.35 24.31
C GLU A 3 19.42 -20.95 23.89
N GLU A 4 18.65 -20.37 24.83
CA GLU A 4 17.29 -19.90 24.60
C GLU A 4 17.25 -18.63 23.74
N SER A 5 18.31 -17.81 23.79
CA SER A 5 18.44 -16.62 22.95
C SER A 5 18.51 -16.99 21.44
N GLN A 6 19.01 -18.21 21.13
CA GLN A 6 19.09 -18.75 19.78
C GLN A 6 17.71 -19.25 19.33
N ALA A 7 16.92 -19.85 20.26
CA ALA A 7 15.56 -20.29 19.99
C ALA A 7 14.61 -19.09 19.71
N PHE A 8 14.97 -17.89 20.21
CA PHE A 8 14.23 -16.65 19.99
C PHE A 8 14.52 -16.17 18.58
N GLN A 9 15.80 -16.19 18.18
CA GLN A 9 16.24 -15.82 16.84
C GLN A 9 15.68 -16.81 15.81
N ARG A 10 15.56 -18.08 16.16
CA ARG A 10 15.00 -19.09 15.26
C ARG A 10 13.52 -18.80 14.98
N GLN A 11 12.79 -18.32 16.03
CA GLN A 11 11.39 -17.93 15.94
C GLN A 11 11.28 -16.72 15.03
N LEU A 12 12.16 -15.73 15.23
CA LEU A 12 12.18 -14.54 14.40
C LEU A 12 12.37 -14.87 12.92
N THR A 13 13.23 -15.83 12.60
CA THR A 13 13.47 -16.22 11.20
C THR A 13 12.21 -16.84 10.56
N ALA A 14 11.44 -17.57 11.34
CA ALA A 14 10.22 -18.20 10.84
C ALA A 14 9.10 -17.18 10.66
N LEU A 15 9.12 -16.13 11.51
CA LEU A 15 8.14 -15.07 11.47
C LEU A 15 8.41 -14.18 10.27
N ILE A 16 9.66 -13.64 10.14
CA ILE A 16 10.15 -12.77 9.07
C ILE A 16 10.12 -13.49 7.72
N GLY A 17 10.50 -14.76 7.72
CA GLY A 17 10.59 -15.54 6.51
C GLY A 17 11.91 -15.41 5.78
N TYR A 18 12.93 -14.83 6.45
CA TYR A 18 14.29 -14.63 5.95
C TYR A 18 15.29 -14.62 7.16
N ASP A 19 16.52 -15.17 6.99
CA ASP A 19 17.50 -15.21 8.07
C ASP A 19 18.43 -14.00 8.04
N VAL A 20 18.15 -12.97 8.85
CA VAL A 20 18.93 -11.71 8.88
C VAL A 20 20.35 -11.89 9.43
N THR A 21 20.60 -12.96 10.21
CA THR A 21 21.94 -13.24 10.71
C THR A 21 22.70 -13.99 9.59
N ASP A 22 22.62 -13.48 8.36
CA ASP A 22 23.24 -14.14 7.23
C ASP A 22 24.19 -13.22 6.55
N VAL A 23 25.38 -13.73 6.30
CA VAL A 23 26.44 -12.95 5.69
C VAL A 23 26.93 -13.50 4.33
N SER A 24 26.20 -14.48 3.75
CA SER A 24 26.54 -15.11 2.46
C SER A 24 26.27 -14.22 1.22
N ASN A 25 25.38 -13.22 1.33
CA ASN A 25 25.08 -12.36 0.17
C ASN A 25 25.47 -10.89 0.39
N VAL A 26 26.60 -10.65 1.08
CA VAL A 26 27.06 -9.29 1.35
C VAL A 26 28.52 -9.13 1.01
N HIS A 27 28.89 -7.92 0.62
CA HIS A 27 30.27 -7.54 0.32
C HIS A 27 30.74 -6.36 1.24
N ASP A 28 30.06 -6.21 2.41
CA ASP A 28 30.25 -5.21 3.47
C ASP A 28 29.44 -5.62 4.74
N ASP A 29 29.29 -4.72 5.72
CA ASP A 29 28.59 -5.06 6.96
C ASP A 29 27.38 -4.17 7.22
N GLU A 30 26.85 -3.48 6.20
CA GLU A 30 25.77 -2.52 6.39
C GLU A 30 24.52 -3.08 7.03
N LEU A 31 24.18 -4.35 6.73
CA LEU A 31 23.00 -4.96 7.32
C LEU A 31 23.24 -5.30 8.80
N GLU A 32 24.50 -5.65 9.18
CA GLU A 32 24.83 -5.90 10.57
C GLU A 32 24.94 -4.58 11.34
N PHE A 33 25.49 -3.56 10.73
CA PHE A 33 25.55 -2.22 11.29
C PHE A 33 24.13 -1.62 11.38
N THR A 34 23.18 -2.08 10.55
CA THR A 34 21.80 -1.58 10.59
C THR A 34 21.01 -2.29 11.68
N ARG A 35 21.21 -3.61 11.88
CA ARG A 35 20.58 -4.32 13.00
C ARG A 35 21.05 -3.65 14.32
N ARG A 36 22.38 -3.35 14.40
CA ARG A 36 23.04 -2.67 15.52
C ARG A 36 22.53 -1.25 15.73
N GLY A 37 22.50 -0.45 14.68
CA GLY A 37 22.02 0.92 14.75
C GLY A 37 20.53 1.10 15.00
N LEU A 38 19.75 0.03 14.88
CA LEU A 38 18.30 0.10 15.13
C LEU A 38 17.90 -0.34 16.53
N VAL A 39 18.85 -0.75 17.38
CA VAL A 39 18.57 -1.16 18.75
C VAL A 39 18.17 0.08 19.56
N THR A 40 18.91 1.18 19.37
CA THR A 40 18.73 2.49 20.01
C THR A 40 17.29 3.04 19.82
N PRO A 41 16.82 3.34 18.59
CA PRO A 41 15.45 3.86 18.43
C PRO A 41 14.31 2.92 18.84
N ARG A 42 14.58 1.61 18.88
CA ARG A 42 13.60 0.62 19.32
C ARG A 42 13.48 0.75 20.84
N MET A 43 14.62 0.74 21.53
CA MET A 43 14.65 0.82 22.97
C MET A 43 14.02 2.09 23.50
N ALA A 44 14.24 3.23 22.80
CA ALA A 44 13.70 4.52 23.21
C ALA A 44 12.19 4.63 23.06
N GLU A 45 11.63 3.90 22.07
CA GLU A 45 10.19 3.88 21.79
C GLU A 45 9.46 2.87 22.64
N VAL A 46 10.11 1.73 22.92
CA VAL A 46 9.58 0.70 23.82
C VAL A 46 9.48 1.34 25.23
N ALA A 47 10.54 2.06 25.65
CA ALA A 47 10.59 2.74 26.94
C ALA A 47 9.60 3.90 27.03
N SER A 48 9.46 4.75 26.01
CA SER A 48 8.54 5.89 26.09
C SER A 48 7.01 5.55 26.01
N ARG A 49 6.62 4.34 25.58
CA ARG A 49 5.20 4.02 25.40
C ARG A 49 4.49 3.59 26.67
N ASP A 50 3.26 4.11 26.91
CA ASP A 50 2.44 3.78 28.08
C ASP A 50 1.89 2.39 27.88
N PRO A 51 2.24 1.45 28.79
CA PRO A 51 1.79 0.05 28.64
C PRO A 51 0.28 -0.19 28.49
N LYS A 52 -0.53 0.57 29.25
CA LYS A 52 -1.99 0.52 29.30
C LYS A 52 -2.58 0.84 27.93
N LEU A 53 -2.37 2.05 27.40
CA LEU A 53 -2.86 2.41 26.06
C LEU A 53 -2.21 1.56 24.96
N TYR A 54 -1.00 1.01 25.20
CA TYR A 54 -0.37 0.15 24.23
C TYR A 54 -1.13 -1.16 24.11
N ALA A 55 -1.53 -1.74 25.24
CA ALA A 55 -2.25 -3.02 25.22
C ALA A 55 -3.62 -2.87 24.63
N MET A 56 -4.30 -1.76 24.92
CA MET A 56 -5.67 -1.56 24.44
C MET A 56 -5.74 -0.90 23.06
N HIS A 57 -4.61 -0.36 22.57
CA HIS A 57 -4.46 0.29 21.26
C HIS A 57 -5.70 1.10 20.79
N PRO A 58 -6.30 2.02 21.58
CA PRO A 58 -7.47 2.77 21.08
C PRO A 58 -7.31 3.35 19.68
N TRP A 59 -8.28 3.09 18.81
CA TRP A 59 -8.25 3.56 17.44
C TRP A 59 -9.05 4.82 17.45
N VAL A 60 -8.36 5.94 17.34
CA VAL A 60 -8.89 7.29 17.49
C VAL A 60 -8.66 8.17 16.24
N THR A 61 -9.39 9.30 16.16
CA THR A 61 -9.27 10.29 15.09
C THR A 61 -9.47 11.72 15.64
N SER A 62 -8.54 12.64 15.35
CA SER A 62 -8.69 14.03 15.78
C SER A 62 -9.47 14.88 14.75
N LYS A 63 -9.84 14.30 13.60
CA LYS A 63 -10.55 15.02 12.56
C LYS A 63 -11.98 15.34 12.99
N PRO A 64 -12.61 16.38 12.43
CA PRO A 64 -14.00 16.68 12.79
C PRO A 64 -14.96 15.59 12.28
N LEU A 65 -16.14 15.49 12.91
CA LEU A 65 -17.17 14.56 12.47
C LEU A 65 -17.80 15.15 11.21
N PRO A 66 -17.96 14.35 10.14
CA PRO A 66 -18.49 14.92 8.88
C PRO A 66 -19.94 15.40 8.93
N GLU A 67 -20.36 16.21 7.93
CA GLU A 67 -21.73 16.72 7.87
C GLU A 67 -22.77 15.61 7.64
N TYR A 68 -22.35 14.49 7.00
CA TYR A 68 -23.23 13.36 6.75
C TYR A 68 -23.43 12.52 8.03
N LEU A 69 -22.37 12.39 8.84
CA LEU A 69 -22.50 11.68 10.12
C LEU A 69 -23.23 12.54 11.18
N TRP A 70 -23.21 13.88 11.03
CA TRP A 70 -23.93 14.76 11.92
C TRP A 70 -25.42 14.68 11.65
N LYS A 71 -25.81 14.49 10.37
CA LYS A 71 -27.22 14.34 10.01
C LYS A 71 -27.85 13.06 10.58
N LYS A 72 -27.01 12.07 10.98
CA LYS A 72 -27.42 10.82 11.60
C LYS A 72 -27.75 11.02 13.10
N ILE A 73 -27.17 12.06 13.74
CA ILE A 73 -27.42 12.38 15.16
C ILE A 73 -28.75 13.11 15.27
N ALA A 74 -29.77 12.41 15.80
CA ALA A 74 -31.15 12.92 15.92
C ALA A 74 -31.37 14.11 16.90
N ASN A 75 -30.96 14.00 18.17
CA ASN A 75 -31.19 15.08 19.14
C ASN A 75 -29.95 15.21 20.05
N ASN A 76 -28.76 15.17 19.43
CA ASN A 76 -27.45 15.20 20.10
C ASN A 76 -27.37 14.10 21.14
N CYS A 77 -27.74 12.89 20.72
CA CYS A 77 -27.77 11.74 21.60
C CYS A 77 -27.27 10.52 20.83
N ILE A 78 -26.39 9.75 21.46
CA ILE A 78 -25.80 8.54 20.89
C ILE A 78 -26.01 7.41 21.90
N PHE A 79 -26.54 6.26 21.46
CA PHE A 79 -26.80 5.15 22.38
C PHE A 79 -25.76 4.03 22.32
N ILE A 80 -25.28 3.62 23.50
CA ILE A 80 -24.29 2.56 23.65
C ILE A 80 -24.94 1.43 24.44
N VAL A 81 -24.82 0.19 23.97
CA VAL A 81 -25.39 -0.95 24.67
C VAL A 81 -24.31 -1.66 25.47
N ILE A 82 -24.33 -1.53 26.80
CA ILE A 82 -23.32 -2.17 27.64
C ILE A 82 -23.78 -3.54 28.13
N HIS A 83 -22.97 -4.59 27.87
CA HIS A 83 -23.26 -5.98 28.22
C HIS A 83 -22.36 -6.51 29.35
N ARG A 84 -22.84 -7.55 30.05
CA ARG A 84 -22.12 -8.23 31.13
C ARG A 84 -22.74 -9.61 31.39
N SER A 85 -21.97 -10.67 31.11
CA SER A 85 -22.36 -12.08 31.25
C SER A 85 -23.63 -12.42 30.40
N THR A 86 -24.86 -12.30 30.95
CA THR A 86 -26.07 -12.59 30.20
C THR A 86 -27.06 -11.42 30.14
N THR A 87 -26.71 -10.24 30.69
CA THR A 87 -27.59 -9.07 30.71
C THR A 87 -26.96 -7.82 30.04
N SER A 88 -27.80 -6.83 29.69
CA SER A 88 -27.37 -5.58 29.07
C SER A 88 -28.41 -4.44 29.25
N GLN A 89 -27.97 -3.17 29.11
CA GLN A 89 -28.82 -2.00 29.24
C GLN A 89 -28.26 -0.87 28.36
N THR A 90 -29.15 -0.09 27.73
CA THR A 90 -28.78 1.02 26.84
C THR A 90 -28.49 2.31 27.63
N ILE A 91 -27.55 3.15 27.14
CA ILE A 91 -27.18 4.40 27.81
C ILE A 91 -27.25 5.61 26.86
N LYS A 92 -28.00 6.66 27.26
CA LYS A 92 -28.12 7.92 26.50
C LYS A 92 -26.82 8.69 26.68
N VAL A 93 -26.01 8.85 25.62
CA VAL A 93 -24.72 9.53 25.73
C VAL A 93 -24.64 10.80 24.86
N SER A 94 -23.70 11.69 25.19
CA SER A 94 -23.39 12.92 24.48
C SER A 94 -22.11 12.68 23.66
N PRO A 95 -22.02 13.21 22.42
CA PRO A 95 -20.82 12.96 21.59
C PRO A 95 -19.46 13.31 22.19
N ASP A 96 -19.44 14.12 23.22
CA ASP A 96 -18.20 14.54 23.86
C ASP A 96 -17.80 13.69 25.08
N ASP A 97 -18.75 12.93 25.65
CA ASP A 97 -18.50 12.09 26.83
C ASP A 97 -17.38 11.07 26.61
N THR A 98 -16.25 11.21 27.33
CA THR A 98 -15.11 10.30 27.19
C THR A 98 -15.44 8.93 27.81
N PRO A 99 -14.79 7.82 27.38
CA PRO A 99 -15.12 6.50 27.93
C PRO A 99 -15.26 6.41 29.47
N GLY A 100 -14.43 7.15 30.19
CA GLY A 100 -14.46 7.18 31.65
C GLY A 100 -15.66 7.94 32.21
N ALA A 101 -15.99 9.08 31.56
CA ALA A 101 -17.12 9.94 31.92
C ALA A 101 -18.46 9.20 31.78
N ILE A 102 -18.57 8.25 30.84
CA ILE A 102 -19.80 7.49 30.67
C ILE A 102 -19.79 6.18 31.49
N LEU A 103 -18.61 5.68 31.89
CA LEU A 103 -18.52 4.53 32.79
C LEU A 103 -19.03 4.98 34.18
N GLN A 104 -18.66 6.21 34.60
CA GLN A 104 -19.08 6.86 35.84
C GLN A 104 -20.61 7.07 35.87
N SER A 105 -21.22 7.34 34.69
CA SER A 105 -22.67 7.50 34.60
C SER A 105 -23.39 6.13 34.57
N PHE A 106 -22.72 5.06 34.13
CA PHE A 106 -23.28 3.71 34.14
C PHE A 106 -23.29 3.19 35.57
N PHE A 107 -22.21 3.43 36.32
CA PHE A 107 -22.10 3.00 37.71
C PHE A 107 -23.02 3.79 38.67
N THR A 108 -23.30 5.06 38.32
CA THR A 108 -24.21 5.93 39.08
C THR A 108 -25.66 5.47 38.83
N LYS A 109 -25.98 5.13 37.58
CA LYS A 109 -27.33 4.71 37.20
C LYS A 109 -27.55 3.20 37.46
N MET A 110 -27.63 2.82 38.74
CA MET A 110 -27.83 1.42 39.13
C MET A 110 -28.58 1.31 40.46
N GLU A 125 -15.09 -2.99 41.70
CA GLU A 125 -16.02 -2.82 40.58
C GLU A 125 -15.54 -1.75 39.60
N GLN A 126 -14.84 -0.71 40.11
CA GLN A 126 -14.34 0.39 39.26
C GLN A 126 -13.08 0.00 38.47
N ASP A 127 -12.92 -1.29 38.14
CA ASP A 127 -11.72 -1.82 37.46
C ASP A 127 -11.97 -2.37 36.06
N PHE A 128 -13.15 -2.15 35.49
CA PHE A 128 -13.46 -2.66 34.15
C PHE A 128 -13.43 -1.54 33.11
N VAL A 129 -13.06 -1.91 31.87
CA VAL A 129 -12.95 -1.06 30.69
C VAL A 129 -14.03 -1.45 29.64
N LEU A 130 -14.21 -0.64 28.58
CA LEU A 130 -15.16 -0.92 27.52
C LEU A 130 -14.49 -1.58 26.29
N ARG A 131 -15.02 -2.72 25.84
CA ARG A 131 -14.48 -3.40 24.66
C ARG A 131 -15.63 -3.73 23.71
N VAL A 132 -15.46 -3.48 22.40
CA VAL A 132 -16.49 -3.78 21.42
C VAL A 132 -16.71 -5.29 21.37
N CYS A 133 -17.97 -5.72 21.40
CA CYS A 133 -18.36 -7.12 21.38
C CYS A 133 -17.81 -7.90 20.19
N GLY A 134 -17.06 -8.96 20.47
CA GLY A 134 -16.51 -9.84 19.44
C GLY A 134 -15.18 -9.46 18.86
N ARG A 135 -14.78 -8.20 19.06
CA ARG A 135 -13.51 -7.68 18.56
C ARG A 135 -12.53 -7.44 19.70
N ASP A 136 -11.25 -7.31 19.36
CA ASP A 136 -10.23 -6.94 20.33
C ASP A 136 -10.05 -5.42 20.15
N GLU A 137 -11.16 -4.68 20.22
CA GLU A 137 -11.22 -3.24 20.00
C GLU A 137 -11.76 -2.58 21.26
N TYR A 138 -11.01 -1.63 21.82
CA TYR A 138 -11.37 -0.96 23.06
C TYR A 138 -11.71 0.51 22.92
N LEU A 139 -12.55 1.00 23.85
CA LEU A 139 -12.95 2.39 23.98
C LEU A 139 -12.39 2.93 25.32
N VAL A 140 -11.12 3.40 25.29
CA VAL A 140 -10.33 3.91 26.42
C VAL A 140 -9.58 5.19 26.03
N GLY A 141 -9.31 6.05 27.01
CA GLY A 141 -8.52 7.26 26.82
C GLY A 141 -9.28 8.56 26.94
N GLU A 142 -8.53 9.68 27.05
CA GLU A 142 -9.15 11.01 27.12
C GLU A 142 -9.34 11.53 25.70
N THR A 143 -10.36 11.00 25.04
CA THR A 143 -10.84 11.28 23.69
C THR A 143 -12.37 11.04 23.74
N PRO A 144 -13.17 11.94 23.13
CA PRO A 144 -14.63 11.75 23.16
C PRO A 144 -15.07 10.50 22.39
N ILE A 145 -16.28 9.97 22.67
CA ILE A 145 -16.77 8.80 21.93
C ILE A 145 -16.87 9.05 20.44
N LYS A 146 -17.31 10.25 20.02
CA LYS A 146 -17.39 10.59 18.59
C LYS A 146 -16.03 10.51 17.88
N ASN A 147 -14.92 10.45 18.63
CA ASN A 147 -13.58 10.36 18.05
C ASN A 147 -13.03 8.94 17.97
N PHE A 148 -13.83 7.93 18.31
CA PHE A 148 -13.42 6.54 18.19
C PHE A 148 -13.90 6.05 16.83
N GLN A 149 -12.99 5.46 16.03
CA GLN A 149 -13.34 5.03 14.67
C GLN A 149 -14.42 3.96 14.62
N TRP A 150 -14.50 3.11 15.65
CA TRP A 150 -15.52 2.08 15.69
C TRP A 150 -16.92 2.70 15.86
N VAL A 151 -17.02 3.76 16.66
CA VAL A 151 -18.25 4.50 16.91
C VAL A 151 -18.71 5.23 15.62
N ARG A 152 -17.73 5.74 14.82
CA ARG A 152 -18.01 6.39 13.53
C ARG A 152 -18.45 5.36 12.49
N HIS A 153 -17.94 4.13 12.59
CA HIS A 153 -18.29 3.06 11.67
C HIS A 153 -19.76 2.65 11.90
N CYS A 154 -20.17 2.54 13.17
CA CYS A 154 -21.52 2.19 13.53
C CYS A 154 -22.52 3.24 13.04
N LEU A 155 -22.20 4.52 13.19
CA LEU A 155 -23.07 5.60 12.72
C LEU A 155 -23.28 5.52 11.19
N LYS A 156 -22.20 5.58 10.40
CA LYS A 156 -22.20 5.52 8.94
C LYS A 156 -23.00 4.35 8.36
N ASN A 157 -22.94 3.18 9.01
CA ASN A 157 -23.65 2.00 8.50
C ASN A 157 -24.93 1.63 9.28
N GLY A 158 -25.46 2.57 10.07
CA GLY A 158 -26.68 2.38 10.83
C GLY A 158 -26.70 1.27 11.87
N GLU A 159 -25.52 0.74 12.23
CA GLU A 159 -25.40 -0.33 13.22
C GLU A 159 -25.49 0.22 14.65
N GLU A 160 -25.80 -0.65 15.61
CA GLU A 160 -25.87 -0.27 17.02
C GLU A 160 -24.50 -0.49 17.68
N ILE A 161 -24.13 0.36 18.65
CA ILE A 161 -22.86 0.22 19.36
C ILE A 161 -22.99 -0.82 20.47
N HIS A 162 -22.24 -1.91 20.39
CA HIS A 162 -22.29 -2.95 21.41
C HIS A 162 -20.95 -3.14 22.06
N VAL A 163 -20.92 -2.97 23.37
CA VAL A 163 -19.70 -3.02 24.16
C VAL A 163 -19.92 -3.86 25.44
N VAL A 164 -18.91 -4.61 25.87
CA VAL A 164 -19.00 -5.43 27.07
C VAL A 164 -18.08 -4.88 28.17
N LEU A 165 -18.59 -4.86 29.42
CA LEU A 165 -17.85 -4.41 30.59
C LEU A 165 -16.91 -5.54 31.03
N ASP A 166 -15.59 -5.38 30.78
CA ASP A 166 -14.61 -6.41 31.16
C ASP A 166 -13.26 -5.83 31.57
N THR A 167 -12.39 -6.65 32.17
CA THR A 167 -11.08 -6.22 32.66
C THR A 167 -10.14 -5.77 31.56
N PRO A 168 -9.41 -4.66 31.77
CA PRO A 168 -8.43 -4.22 30.77
C PRO A 168 -7.28 -5.22 30.65
N PRO A 169 -6.79 -5.47 29.43
CA PRO A 169 -5.67 -6.41 29.27
C PRO A 169 -4.44 -5.99 30.05
N ASP A 170 -3.75 -6.99 30.61
CA ASP A 170 -2.55 -6.74 31.42
C ASP A 170 -1.35 -6.33 30.55
N PRO A 171 -0.78 -5.14 30.80
CA PRO A 171 0.43 -4.74 30.10
C PRO A 171 1.60 -5.72 30.26
N ALA A 172 1.53 -6.65 31.24
CA ALA A 172 2.57 -7.68 31.38
C ALA A 172 2.57 -8.68 30.19
N LEU A 173 1.51 -8.68 29.36
CA LEU A 173 1.46 -9.52 28.16
C LEU A 173 2.27 -8.87 27.04
N ASP A 174 2.32 -7.51 26.99
CA ASP A 174 3.13 -6.72 26.05
C ASP A 174 4.62 -6.69 26.49
N GLU A 175 5.07 -7.72 27.21
CA GLU A 175 6.43 -7.77 27.72
C GLU A 175 7.44 -8.01 26.61
N VAL A 176 8.44 -7.13 26.54
CA VAL A 176 9.51 -7.26 25.58
C VAL A 176 10.64 -8.01 26.29
N ARG A 177 11.20 -9.02 25.62
CA ARG A 177 12.33 -9.81 26.09
C ARG A 177 13.58 -8.92 26.25
N LYS A 178 14.41 -9.19 27.25
CA LYS A 178 15.62 -8.39 27.48
C LYS A 178 16.67 -8.68 26.40
N GLU A 179 17.59 -7.72 26.19
CA GLU A 179 18.66 -7.81 25.20
C GLU A 179 19.94 -8.41 25.79
N CYS A 215 40.21 14.11 -1.81
CA CYS A 215 41.09 13.98 -2.97
C CYS A 215 40.57 14.75 -4.17
N ASP A 216 41.46 15.51 -4.81
CA ASP A 216 41.12 16.30 -6.00
C ASP A 216 41.37 15.55 -7.32
N ARG A 217 41.51 14.22 -7.27
CA ARG A 217 41.72 13.41 -8.46
C ARG A 217 40.38 12.96 -9.02
N LYS A 218 40.31 12.72 -10.34
CA LYS A 218 39.10 12.20 -10.96
C LYS A 218 38.84 10.77 -10.46
N PHE A 219 37.57 10.36 -10.35
CA PHE A 219 37.24 9.00 -9.94
C PHE A 219 37.51 8.02 -11.09
N ARG A 220 38.00 6.80 -10.80
CA ARG A 220 38.19 5.79 -11.83
C ARG A 220 37.80 4.40 -11.34
N VAL A 221 37.43 3.51 -12.27
CA VAL A 221 37.04 2.15 -11.90
C VAL A 221 37.57 1.16 -12.92
N LYS A 222 38.19 0.07 -12.44
CA LYS A 222 38.74 -0.94 -13.33
C LYS A 222 37.72 -2.03 -13.54
N ILE A 223 37.38 -2.30 -14.79
CA ILE A 223 36.46 -3.37 -15.15
C ILE A 223 37.34 -4.54 -15.54
N ARG A 224 37.31 -5.60 -14.74
CA ARG A 224 38.12 -6.78 -15.03
C ARG A 224 37.40 -7.66 -16.04
N GLY A 225 36.13 -7.97 -15.82
CA GLY A 225 35.36 -8.78 -16.74
C GLY A 225 34.00 -9.21 -16.22
N ILE A 226 33.26 -10.01 -17.02
CA ILE A 226 31.94 -10.56 -16.69
C ILE A 226 31.91 -12.07 -16.92
N ASP A 227 31.31 -12.82 -15.99
CA ASP A 227 31.21 -14.26 -16.12
C ASP A 227 29.79 -14.76 -15.93
N ILE A 228 29.35 -15.71 -16.76
CA ILE A 228 28.03 -16.34 -16.70
C ILE A 228 28.24 -17.84 -16.83
N PRO A 229 27.54 -18.65 -16.02
CA PRO A 229 27.73 -20.12 -16.12
C PRO A 229 27.35 -20.68 -17.49
N VAL A 230 26.11 -20.40 -17.95
CA VAL A 230 25.58 -20.90 -19.22
C VAL A 230 24.82 -19.83 -20.05
N LEU A 231 24.81 -20.07 -21.36
CA LEU A 231 24.13 -19.28 -22.38
C LEU A 231 24.01 -20.23 -23.60
N PRO A 232 22.77 -20.41 -24.13
CA PRO A 232 22.55 -21.38 -25.23
C PRO A 232 23.44 -21.23 -26.48
N ARG A 233 23.84 -22.37 -27.08
CA ARG A 233 24.71 -22.43 -28.25
C ARG A 233 23.99 -22.17 -29.62
N ASN A 234 23.20 -21.07 -29.71
CA ASN A 234 22.50 -20.75 -30.96
C ASN A 234 22.80 -19.32 -31.50
N THR A 235 22.51 -18.25 -30.70
CA THR A 235 22.72 -16.87 -31.14
C THR A 235 24.12 -16.30 -30.79
N ASP A 236 24.98 -16.06 -31.81
CA ASP A 236 26.31 -15.48 -31.58
C ASP A 236 26.25 -13.95 -31.40
N LEU A 237 25.79 -13.51 -30.22
CA LEU A 237 25.54 -12.13 -29.81
C LEU A 237 26.82 -11.28 -29.49
N THR A 238 26.62 -10.02 -29.05
CA THR A 238 27.69 -9.08 -28.65
C THR A 238 27.37 -8.46 -27.27
N VAL A 239 28.39 -7.92 -26.56
CA VAL A 239 28.15 -7.37 -25.22
C VAL A 239 29.15 -6.23 -24.84
N PHE A 240 28.68 -5.28 -24.01
CA PHE A 240 29.49 -4.20 -23.45
C PHE A 240 29.03 -3.83 -22.03
N VAL A 241 29.94 -3.23 -21.25
CA VAL A 241 29.67 -2.80 -19.87
C VAL A 241 29.55 -1.27 -19.78
N GLU A 242 28.46 -0.77 -19.20
CA GLU A 242 28.23 0.66 -19.03
C GLU A 242 28.26 1.01 -17.54
N ALA A 243 29.23 1.84 -17.14
CA ALA A 243 29.32 2.26 -15.75
C ALA A 243 28.79 3.68 -15.59
N ASN A 244 27.82 3.87 -14.67
CA ASN A 244 27.23 5.19 -14.45
C ASN A 244 27.42 5.64 -13.04
N ILE A 245 27.69 6.91 -12.82
CA ILE A 245 27.68 7.46 -11.46
C ILE A 245 26.28 8.09 -11.30
N GLN A 246 25.41 7.53 -10.42
CA GLN A 246 24.07 8.07 -10.27
C GLN A 246 23.79 8.66 -8.90
N HIS A 247 22.80 9.55 -8.81
CA HIS A 247 22.39 10.14 -7.55
C HIS A 247 20.99 10.64 -7.74
N GLY A 248 20.02 9.94 -7.18
CA GLY A 248 18.61 10.36 -7.30
C GLY A 248 18.14 10.16 -8.72
N GLN A 249 18.61 9.02 -9.34
CA GLN A 249 18.35 8.61 -10.73
C GLN A 249 19.06 9.51 -11.79
N GLN A 250 19.66 10.63 -11.35
CA GLN A 250 20.41 11.54 -12.21
C GLN A 250 21.75 10.92 -12.50
N VAL A 251 22.16 10.92 -13.76
CA VAL A 251 23.46 10.39 -14.14
C VAL A 251 24.49 11.48 -14.13
N LEU A 252 25.33 11.50 -13.11
CA LEU A 252 26.40 12.49 -12.97
C LEU A 252 27.44 12.27 -14.07
N CYS A 253 27.84 11.02 -14.30
CA CYS A 253 28.83 10.69 -15.32
C CYS A 253 28.59 9.31 -15.89
N GLN A 254 29.06 9.07 -17.12
CA GLN A 254 28.89 7.78 -17.79
C GLN A 254 30.08 7.42 -18.65
N ARG A 255 30.59 6.19 -18.44
CA ARG A 255 31.70 5.61 -19.22
C ARG A 255 31.29 4.21 -19.68
N ARG A 256 31.66 3.80 -20.91
CA ARG A 256 31.37 2.46 -21.47
C ARG A 256 32.67 1.71 -21.82
N THR A 257 32.56 0.40 -22.09
CA THR A 257 33.70 -0.38 -22.55
C THR A 257 33.63 -0.61 -24.07
N SER A 258 34.76 -1.04 -24.67
CA SER A 258 34.77 -1.41 -26.09
C SER A 258 34.01 -2.75 -26.15
N PRO A 259 33.14 -2.99 -27.16
CA PRO A 259 32.33 -4.21 -27.14
C PRO A 259 33.07 -5.46 -27.63
N LYS A 260 33.10 -6.50 -26.78
CA LYS A 260 33.74 -7.77 -27.11
C LYS A 260 32.68 -8.89 -27.26
N PRO A 261 32.99 -9.98 -27.97
CA PRO A 261 31.98 -11.06 -28.14
C PRO A 261 31.51 -11.73 -26.85
N PHE A 262 30.18 -11.76 -26.65
CA PHE A 262 29.60 -12.33 -25.44
C PHE A 262 29.81 -13.84 -25.28
N THR A 263 30.82 -14.20 -24.49
CA THR A 263 31.12 -15.59 -24.16
C THR A 263 30.81 -15.86 -22.64
N GLU A 264 31.16 -17.05 -22.10
CA GLU A 264 30.92 -17.36 -20.69
C GLU A 264 31.88 -16.60 -19.73
N GLU A 265 32.98 -16.02 -20.28
CA GLU A 265 33.95 -15.22 -19.54
C GLU A 265 34.49 -14.11 -20.46
N VAL A 266 34.23 -12.82 -20.13
CA VAL A 266 34.71 -11.71 -20.96
C VAL A 266 35.63 -10.78 -20.19
N LEU A 267 36.95 -10.88 -20.38
CA LEU A 267 37.91 -10.02 -19.69
C LEU A 267 38.31 -8.77 -20.49
N TRP A 268 38.35 -7.63 -19.81
CA TRP A 268 38.68 -6.34 -20.39
C TRP A 268 39.97 -5.79 -19.77
N ASN A 269 40.07 -5.82 -18.40
CA ASN A 269 41.15 -5.24 -17.59
C ASN A 269 41.32 -3.76 -17.95
N VAL A 270 40.20 -3.03 -18.01
CA VAL A 270 40.20 -1.63 -18.43
C VAL A 270 39.91 -0.66 -17.32
N TRP A 271 40.76 0.38 -17.19
CA TRP A 271 40.49 1.47 -16.25
C TRP A 271 39.51 2.39 -16.94
N LEU A 272 38.41 2.71 -16.29
CA LEU A 272 37.40 3.62 -16.81
C LEU A 272 37.48 4.89 -15.99
N GLU A 273 38.18 5.90 -16.53
CA GLU A 273 38.31 7.17 -15.81
C GLU A 273 37.08 8.05 -16.04
N PHE A 274 36.53 8.56 -14.96
CA PHE A 274 35.39 9.46 -15.00
C PHE A 274 35.88 10.89 -14.86
N SER A 275 35.00 11.87 -15.12
CA SER A 275 35.38 13.28 -15.01
C SER A 275 35.11 13.81 -13.59
N ILE A 276 34.13 13.27 -12.88
CA ILE A 276 33.81 13.69 -11.52
C ILE A 276 34.96 13.41 -10.54
N LYS A 277 35.48 14.47 -9.88
CA LYS A 277 36.51 14.33 -8.86
C LYS A 277 35.98 13.60 -7.64
N ILE A 278 36.88 12.95 -6.88
CA ILE A 278 36.56 12.16 -5.70
C ILE A 278 35.76 12.96 -4.66
N LYS A 279 36.14 14.23 -4.42
CA LYS A 279 35.45 15.08 -3.45
C LYS A 279 34.02 15.43 -3.88
N ASP A 280 33.81 15.59 -5.20
CA ASP A 280 32.52 15.94 -5.76
C ASP A 280 31.46 14.84 -5.63
N LEU A 281 31.88 13.58 -5.38
CA LEU A 281 30.95 12.46 -5.21
C LEU A 281 30.04 12.73 -4.02
N PRO A 282 28.71 12.77 -4.24
CA PRO A 282 27.79 12.98 -3.12
C PRO A 282 27.50 11.69 -2.36
N LYS A 283 27.10 11.81 -1.09
CA LYS A 283 26.73 10.64 -0.31
C LYS A 283 25.45 10.07 -0.90
N GLY A 284 25.41 8.77 -1.06
CA GLY A 284 24.27 8.12 -1.70
C GLY A 284 24.47 7.90 -3.19
N ALA A 285 25.64 8.30 -3.73
CA ALA A 285 25.99 8.07 -5.12
C ALA A 285 26.22 6.59 -5.34
N LEU A 286 25.61 6.04 -6.40
CA LEU A 286 25.68 4.65 -6.83
C LEU A 286 26.55 4.51 -8.02
N LEU A 287 27.34 3.44 -8.04
CA LEU A 287 28.06 3.06 -9.23
C LEU A 287 27.15 1.97 -9.81
N ASN A 288 26.38 2.35 -10.83
CA ASN A 288 25.46 1.46 -11.52
C ASN A 288 26.21 0.81 -12.70
N LEU A 289 26.42 -0.50 -12.65
CA LEU A 289 27.08 -1.25 -13.72
C LEU A 289 26.01 -2.03 -14.54
N GLN A 290 25.99 -1.82 -15.88
CA GLN A 290 24.99 -2.46 -16.75
C GLN A 290 25.64 -3.23 -17.89
N ILE A 291 24.98 -4.29 -18.38
CA ILE A 291 25.48 -5.12 -19.49
C ILE A 291 24.45 -5.02 -20.60
N TYR A 292 24.85 -4.50 -21.77
CA TYR A 292 23.95 -4.33 -22.92
C TYR A 292 24.38 -5.24 -24.04
N CYS A 293 23.46 -5.63 -24.93
CA CYS A 293 23.86 -6.42 -26.10
C CYS A 293 23.51 -5.74 -27.41
N LEU A 318 20.30 -4.37 -23.02
CA LEU A 318 20.29 -4.40 -21.54
C LEU A 318 19.77 -5.70 -20.93
N LEU A 319 20.70 -6.63 -20.64
CA LEU A 319 20.37 -7.89 -20.03
C LEU A 319 20.60 -7.94 -18.49
N TYR A 320 21.67 -7.29 -17.96
CA TYR A 320 22.01 -7.38 -16.53
C TYR A 320 22.40 -6.07 -15.88
N TYR A 321 22.07 -5.89 -14.59
CA TYR A 321 22.46 -4.68 -13.86
C TYR A 321 22.88 -5.00 -12.40
N VAL A 322 23.65 -4.08 -11.76
CA VAL A 322 24.14 -4.22 -10.38
C VAL A 322 24.64 -2.85 -9.87
N ASN A 323 24.31 -2.52 -8.61
CA ASN A 323 24.72 -1.24 -8.04
C ASN A 323 25.64 -1.43 -6.86
N LEU A 324 26.47 -0.43 -6.63
CA LEU A 324 27.41 -0.44 -5.52
C LEU A 324 27.53 1.00 -5.05
N LEU A 325 27.27 1.24 -3.77
CA LEU A 325 27.35 2.58 -3.22
C LEU A 325 28.79 3.02 -3.18
N LEU A 326 29.08 4.19 -3.73
CA LEU A 326 30.44 4.71 -3.71
C LEU A 326 30.80 5.26 -2.31
N ILE A 327 29.83 5.72 -1.51
CA ILE A 327 30.12 6.16 -0.13
C ILE A 327 29.43 5.16 0.79
N ASP A 328 30.18 4.39 1.57
CA ASP A 328 29.58 3.39 2.48
C ASP A 328 28.87 4.07 3.69
N HIS A 329 28.16 3.27 4.52
CA HIS A 329 27.41 3.73 5.69
C HIS A 329 28.25 4.47 6.75
N ARG A 330 29.56 4.15 6.83
CA ARG A 330 30.50 4.82 7.74
C ARG A 330 31.13 6.06 7.08
N PHE A 331 30.50 6.61 6.01
CA PHE A 331 30.98 7.76 5.21
C PHE A 331 32.33 7.50 4.52
N LEU A 332 32.75 6.23 4.40
CA LEU A 332 34.03 5.92 3.76
C LEU A 332 33.86 5.65 2.27
N LEU A 333 34.81 6.12 1.44
CA LEU A 333 34.78 5.85 0.01
C LEU A 333 35.01 4.36 -0.20
N ARG A 334 34.24 3.76 -1.09
CA ARG A 334 34.30 2.34 -1.36
C ARG A 334 35.54 2.01 -2.15
N ARG A 335 36.45 1.21 -1.57
CA ARG A 335 37.74 0.79 -2.13
C ARG A 335 37.88 -0.75 -2.18
N GLY A 336 38.84 -1.25 -2.96
CA GLY A 336 39.11 -2.67 -3.05
C GLY A 336 38.53 -3.42 -4.24
N GLU A 337 38.55 -4.76 -4.12
CA GLU A 337 38.10 -5.75 -5.09
C GLU A 337 36.69 -6.26 -4.82
N TYR A 338 35.84 -6.30 -5.87
CA TYR A 338 34.47 -6.76 -5.72
C TYR A 338 34.05 -7.69 -6.85
N VAL A 339 33.45 -8.84 -6.54
CA VAL A 339 32.85 -9.69 -7.57
C VAL A 339 31.37 -9.70 -7.26
N LEU A 340 30.62 -8.89 -8.01
CA LEU A 340 29.20 -8.63 -7.86
C LEU A 340 28.30 -9.50 -8.67
N HIS A 341 27.37 -10.23 -8.02
CA HIS A 341 26.38 -11.00 -8.75
C HIS A 341 25.20 -10.08 -9.14
N MET A 342 24.96 -10.00 -10.44
CA MET A 342 24.02 -9.09 -11.10
C MET A 342 22.62 -9.64 -11.26
N TRP A 343 21.66 -8.75 -11.59
CA TRP A 343 20.27 -9.14 -11.82
C TRP A 343 19.95 -9.19 -13.31
N GLN A 344 19.08 -10.12 -13.72
CA GLN A 344 18.68 -10.24 -15.11
C GLN A 344 17.40 -9.46 -15.38
N ILE A 345 17.29 -8.87 -16.58
CA ILE A 345 16.14 -8.09 -17.04
C ILE A 345 15.05 -8.96 -17.71
N SER A 346 13.76 -8.63 -17.41
CA SER A 346 12.56 -9.28 -17.96
C SER A 346 11.88 -8.43 -19.07
N GLY A 347 11.55 -9.07 -20.20
CA GLY A 347 10.92 -8.44 -21.35
C GLY A 347 11.50 -8.83 -22.70
N PHE A 355 12.68 3.92 -14.05
CA PHE A 355 11.82 2.91 -14.67
C PHE A 355 11.09 2.05 -13.61
N ASN A 356 11.82 1.58 -12.57
CA ASN A 356 11.25 0.88 -11.40
C ASN A 356 12.28 0.81 -10.27
N ALA A 357 11.78 0.72 -9.01
CA ALA A 357 12.54 0.72 -7.76
C ALA A 357 13.60 -0.35 -7.68
N ASP A 358 13.33 -1.51 -8.27
CA ASP A 358 14.24 -2.63 -8.28
C ASP A 358 15.56 -2.34 -8.93
N LYS A 359 15.62 -1.37 -9.79
CA LYS A 359 16.84 -1.01 -10.48
C LYS A 359 17.81 -0.21 -9.63
N LEU A 360 17.36 0.38 -8.53
CA LEU A 360 18.23 1.19 -7.66
C LEU A 360 18.86 0.40 -6.51
N THR A 361 18.59 -0.90 -6.40
CA THR A 361 18.96 -1.72 -5.25
C THR A 361 20.47 -1.89 -5.06
N SER A 362 20.91 -1.72 -3.82
CA SER A 362 22.32 -1.97 -3.45
C SER A 362 22.61 -3.49 -3.29
N ALA A 363 21.55 -4.31 -3.19
CA ALA A 363 21.59 -5.75 -3.08
C ALA A 363 22.14 -6.42 -4.34
N THR A 364 22.85 -7.53 -4.13
CA THR A 364 23.39 -8.36 -5.18
C THR A 364 22.52 -9.65 -5.30
N ASN A 365 22.53 -10.27 -6.48
CA ASN A 365 21.74 -11.47 -6.73
C ASN A 365 22.25 -12.63 -5.85
N PRO A 366 21.35 -13.22 -5.04
CA PRO A 366 21.74 -14.36 -4.19
C PRO A 366 21.99 -15.65 -4.97
N ASP A 367 21.46 -15.76 -6.20
CA ASP A 367 21.66 -16.96 -7.01
C ASP A 367 23.05 -16.95 -7.62
N LYS A 368 24.03 -17.55 -6.94
CA LYS A 368 25.40 -17.55 -7.44
C LYS A 368 25.68 -18.68 -8.44
N GLU A 369 24.83 -19.72 -8.47
CA GLU A 369 25.04 -20.84 -9.38
C GLU A 369 24.59 -20.51 -10.81
N ASN A 370 23.53 -19.70 -10.95
CA ASN A 370 22.97 -19.34 -12.25
C ASN A 370 23.28 -17.91 -12.73
N SER A 371 23.46 -16.94 -11.81
CA SER A 371 23.64 -15.55 -12.23
C SER A 371 25.04 -15.19 -12.78
N MET A 372 25.06 -14.03 -13.48
CA MET A 372 26.16 -13.30 -14.10
C MET A 372 26.87 -12.46 -13.03
N SER A 373 28.19 -12.32 -13.13
CA SER A 373 28.96 -11.54 -12.18
C SER A 373 30.03 -10.68 -12.79
N ILE A 374 30.04 -9.39 -12.47
CA ILE A 374 31.08 -8.49 -12.91
C ILE A 374 32.13 -8.37 -11.80
N SER A 375 33.41 -8.33 -12.17
CA SER A 375 34.49 -8.18 -11.19
C SER A 375 35.18 -6.87 -11.46
N ILE A 376 35.11 -5.95 -10.48
CA ILE A 376 35.62 -4.59 -10.57
C ILE A 376 36.78 -4.30 -9.56
N LEU A 377 37.37 -3.09 -9.60
CA LEU A 377 38.44 -2.66 -8.69
C LEU A 377 38.38 -1.14 -8.44
N LEU A 378 38.56 -0.73 -7.17
CA LEU A 378 38.59 0.67 -6.74
C LEU A 378 39.90 0.95 -5.96
N ASP A 379 40.78 1.85 -6.45
CA ASP A 379 42.05 2.17 -5.75
C ASP A 379 42.20 3.69 -5.60
N ASN A 380 41.14 4.35 -5.12
CA ASN A 380 41.16 5.80 -4.94
C ASN A 380 41.58 6.15 -3.52
N GLU A 404 15.91 42.42 -3.75
CA GLU A 404 14.60 41.81 -4.02
C GLU A 404 14.47 41.56 -5.53
N MET A 405 13.98 40.37 -5.96
CA MET A 405 13.84 40.03 -7.39
C MET A 405 12.74 40.84 -8.14
N PRO A 406 12.96 41.18 -9.43
CA PRO A 406 11.96 41.96 -10.17
C PRO A 406 10.62 41.27 -10.35
N ASN A 407 9.57 42.08 -10.53
CA ASN A 407 8.19 41.65 -10.73
C ASN A 407 8.04 40.56 -11.82
N GLN A 408 8.56 40.80 -13.02
CA GLN A 408 8.38 39.86 -14.12
C GLN A 408 9.12 38.57 -13.97
N LEU A 409 10.20 38.53 -13.17
CA LEU A 409 10.93 37.29 -12.85
C LEU A 409 10.22 36.53 -11.76
N ARG A 410 9.62 37.24 -10.79
CA ARG A 410 8.82 36.65 -9.73
C ARG A 410 7.65 35.87 -10.37
N LYS A 411 7.04 36.42 -11.43
CA LYS A 411 5.97 35.76 -12.16
C LYS A 411 6.44 34.42 -12.76
N GLN A 412 7.62 34.40 -13.45
CA GLN A 412 8.15 33.16 -14.04
C GLN A 412 8.45 32.15 -12.96
N LEU A 413 9.01 32.61 -11.83
CA LEU A 413 9.31 31.70 -10.73
C LEU A 413 8.04 31.11 -10.15
N GLU A 414 7.05 31.96 -9.79
CA GLU A 414 5.78 31.54 -9.23
C GLU A 414 5.02 30.56 -10.12
N ALA A 415 5.11 30.75 -11.45
CA ALA A 415 4.49 29.85 -12.44
C ALA A 415 5.16 28.46 -12.42
N ILE A 416 6.50 28.42 -12.27
CA ILE A 416 7.27 27.18 -12.19
C ILE A 416 6.86 26.39 -10.95
N ILE A 417 6.69 27.09 -9.81
CA ILE A 417 6.29 26.50 -8.53
C ILE A 417 4.82 25.96 -8.58
N ALA A 418 3.98 26.57 -9.41
CA ALA A 418 2.57 26.21 -9.57
C ALA A 418 2.29 25.09 -10.59
N THR A 419 3.31 24.32 -11.00
CA THR A 419 3.10 23.21 -11.93
C THR A 419 3.06 21.86 -11.19
N ASP A 420 2.54 20.82 -11.86
CA ASP A 420 2.37 19.48 -11.27
C ASP A 420 3.71 18.74 -11.10
N PRO A 421 3.73 17.71 -10.23
CA PRO A 421 4.98 16.96 -10.01
C PRO A 421 5.64 16.40 -11.27
N LEU A 422 4.85 16.04 -12.28
CA LEU A 422 5.38 15.48 -13.51
C LEU A 422 5.75 16.50 -14.58
N ASN A 423 5.62 17.81 -14.30
CA ASN A 423 6.02 18.81 -15.27
C ASN A 423 7.53 18.88 -15.23
N PRO A 424 8.18 18.69 -16.39
CA PRO A 424 9.66 18.67 -16.40
C PRO A 424 10.32 20.04 -16.35
N LEU A 425 11.46 20.11 -15.65
CA LEU A 425 12.16 21.37 -15.50
C LEU A 425 13.24 21.57 -16.54
N THR A 426 13.08 22.59 -17.35
CA THR A 426 14.06 23.00 -18.35
C THR A 426 15.32 23.48 -17.61
N ALA A 427 16.47 23.55 -18.29
CA ALA A 427 17.68 24.10 -17.71
C ALA A 427 17.46 25.55 -17.29
N GLU A 428 16.66 26.31 -18.08
CA GLU A 428 16.30 27.69 -17.79
C GLU A 428 15.54 27.73 -16.46
N ASP A 429 14.60 26.79 -16.25
CA ASP A 429 13.78 26.70 -15.04
C ASP A 429 14.65 26.42 -13.80
N LYS A 430 15.55 25.42 -13.89
CA LYS A 430 16.45 25.04 -12.80
C LYS A 430 17.40 26.15 -12.41
N GLU A 431 17.92 26.90 -13.38
CA GLU A 431 18.83 28.01 -13.08
C GLU A 431 18.10 29.15 -12.39
N LEU A 432 16.81 29.35 -12.74
CA LEU A 432 15.97 30.40 -12.18
C LEU A 432 15.70 30.02 -10.73
N LEU A 433 15.29 28.76 -10.46
CA LEU A 433 15.03 28.26 -9.12
C LEU A 433 16.27 28.33 -8.20
N TRP A 434 17.45 28.01 -8.74
CA TRP A 434 18.67 28.04 -7.94
C TRP A 434 19.15 29.46 -7.67
N HIS A 435 19.04 30.37 -8.63
CA HIS A 435 19.50 31.74 -8.41
C HIS A 435 18.63 32.43 -7.35
N PHE A 436 17.31 32.23 -7.46
CA PHE A 436 16.37 32.81 -6.51
C PHE A 436 15.94 31.70 -5.52
N ARG A 437 16.97 31.08 -4.97
CA ARG A 437 17.06 30.02 -3.99
C ARG A 437 16.37 30.43 -2.69
N TYR A 438 16.49 31.69 -2.30
CA TYR A 438 15.93 32.18 -1.05
C TYR A 438 14.48 32.58 -1.18
N GLU A 439 14.08 33.07 -2.37
CA GLU A 439 12.66 33.37 -2.60
C GLU A 439 11.91 32.05 -2.66
N SER A 440 12.48 31.05 -3.37
CA SER A 440 11.93 29.70 -3.53
C SER A 440 11.73 29.03 -2.18
N LEU A 441 12.63 29.26 -1.24
CA LEU A 441 12.56 28.67 0.10
C LEU A 441 11.32 29.17 0.89
N LYS A 442 10.77 30.34 0.52
CA LYS A 442 9.55 30.85 1.15
C LYS A 442 8.28 30.14 0.64
N HIS A 443 8.39 29.09 -0.20
CA HIS A 443 7.23 28.40 -0.76
C HIS A 443 7.47 26.92 -0.64
N PRO A 444 6.85 26.28 0.37
CA PRO A 444 7.03 24.83 0.54
C PRO A 444 6.67 24.02 -0.68
N LYS A 445 5.68 24.48 -1.49
CA LYS A 445 5.30 23.80 -2.73
C LYS A 445 6.46 23.71 -3.72
N ALA A 446 7.42 24.66 -3.66
CA ALA A 446 8.58 24.65 -4.56
C ALA A 446 9.71 23.78 -4.10
N TYR A 447 9.62 23.10 -2.94
CA TYR A 447 10.76 22.36 -2.43
C TYR A 447 11.15 21.18 -3.31
N PRO A 448 10.24 20.29 -3.80
CA PRO A 448 10.70 19.21 -4.70
C PRO A 448 11.37 19.75 -5.97
N LYS A 449 10.88 20.88 -6.50
CA LYS A 449 11.46 21.47 -7.71
C LYS A 449 12.81 22.16 -7.45
N LEU A 450 12.94 22.79 -6.28
CA LEU A 450 14.16 23.50 -5.91
C LEU A 450 15.26 22.51 -5.66
N PHE A 451 14.97 21.42 -4.94
CA PHE A 451 15.99 20.39 -4.67
C PHE A 451 16.36 19.56 -5.89
N SER A 452 15.56 19.60 -6.95
CA SER A 452 15.86 18.95 -8.22
C SER A 452 16.86 19.77 -9.02
N SER A 453 16.81 21.10 -8.89
CA SER A 453 17.71 22.08 -9.49
C SER A 453 19.15 22.05 -8.92
N VAL A 454 19.38 21.31 -7.83
CA VAL A 454 20.69 21.22 -7.22
C VAL A 454 21.58 20.35 -8.08
N LYS A 455 22.86 20.72 -8.18
CA LYS A 455 23.86 19.98 -8.90
C LYS A 455 24.52 19.16 -7.83
N TRP A 456 24.02 17.94 -7.62
CA TRP A 456 24.49 17.06 -6.56
C TRP A 456 25.93 16.56 -6.76
N GLY A 457 26.43 16.56 -8.00
CA GLY A 457 27.82 16.17 -8.27
C GLY A 457 28.81 17.33 -8.09
N GLN A 458 28.40 18.40 -7.38
CA GLN A 458 29.25 19.55 -7.09
C GLN A 458 29.26 19.77 -5.58
N GLN A 459 30.41 19.56 -4.93
CA GLN A 459 30.50 19.68 -3.49
C GLN A 459 30.12 21.06 -2.97
N GLU A 460 30.66 22.12 -3.57
CA GLU A 460 30.36 23.49 -3.16
C GLU A 460 28.86 23.83 -3.31
N ILE A 461 28.18 23.29 -4.33
CA ILE A 461 26.75 23.54 -4.51
C ILE A 461 25.92 22.73 -3.51
N VAL A 462 26.36 21.53 -3.13
CA VAL A 462 25.69 20.73 -2.12
C VAL A 462 25.79 21.45 -0.77
N ALA A 463 26.98 21.99 -0.45
CA ALA A 463 27.25 22.74 0.77
C ALA A 463 26.36 23.99 0.87
N LYS A 464 26.04 24.62 -0.27
CA LYS A 464 25.16 25.79 -0.37
C LYS A 464 23.73 25.38 -0.09
N THR A 465 23.34 24.17 -0.54
CA THR A 465 22.01 23.57 -0.33
C THR A 465 21.84 23.23 1.14
N TYR A 466 22.91 22.79 1.81
CA TYR A 466 22.85 22.51 3.24
C TYR A 466 22.67 23.77 4.05
N GLN A 467 23.26 24.89 3.58
CA GLN A 467 23.09 26.21 4.17
C GLN A 467 21.62 26.63 3.99
N LEU A 468 21.04 26.35 2.81
CA LEU A 468 19.65 26.65 2.48
C LEU A 468 18.71 25.98 3.50
N LEU A 469 18.89 24.66 3.73
CA LEU A 469 18.10 23.84 4.64
C LEU A 469 18.17 24.31 6.11
N ALA A 470 19.26 25.00 6.49
CA ALA A 470 19.43 25.50 7.85
C ALA A 470 18.53 26.71 8.19
N ARG A 471 17.72 27.21 7.22
CA ARG A 471 16.81 28.34 7.46
C ARG A 471 15.38 27.92 7.13
N ARG A 472 14.94 26.82 7.78
CA ARG A 472 13.61 26.29 7.53
C ARG A 472 12.55 26.81 8.49
N GLU A 473 12.49 28.14 8.69
CA GLU A 473 11.42 28.73 9.51
C GLU A 473 10.11 28.56 8.73
N VAL A 474 10.13 28.82 7.39
CA VAL A 474 8.95 28.69 6.52
C VAL A 474 8.51 27.24 6.41
N TRP A 475 9.48 26.34 6.16
CA TRP A 475 9.17 24.92 6.05
C TRP A 475 8.59 24.33 7.35
N ASP A 476 9.31 24.44 8.46
CA ASP A 476 8.88 23.88 9.74
C ASP A 476 7.57 24.44 10.26
N GLN A 477 7.24 25.70 9.93
CA GLN A 477 5.95 26.27 10.36
C GLN A 477 4.83 26.09 9.33
N SER A 478 5.04 25.26 8.29
CA SER A 478 4.05 25.03 7.25
C SER A 478 3.18 23.82 7.56
N ALA A 479 1.88 23.88 7.17
CA ALA A 479 0.96 22.77 7.36
C ALA A 479 1.44 21.57 6.56
N LEU A 480 1.41 20.39 7.19
CA LEU A 480 1.86 19.16 6.57
C LEU A 480 1.09 18.88 5.30
N ASP A 481 1.80 18.72 4.19
CA ASP A 481 1.20 18.39 2.92
C ASP A 481 1.81 17.02 2.63
N VAL A 482 0.99 15.96 2.71
CA VAL A 482 1.47 14.59 2.51
C VAL A 482 1.93 14.38 1.10
N GLY A 483 1.24 14.95 0.13
CA GLY A 483 1.67 14.89 -1.27
C GLY A 483 3.04 15.47 -1.51
N LEU A 484 3.33 16.59 -0.87
CA LEU A 484 4.60 17.30 -0.89
C LEU A 484 5.66 16.47 -0.19
N THR A 485 5.32 15.94 0.98
CA THR A 485 6.24 15.13 1.76
C THR A 485 6.61 13.83 1.02
N MET A 486 5.64 13.19 0.40
CA MET A 486 5.87 11.98 -0.39
C MET A 486 6.69 12.32 -1.60
N GLN A 487 6.43 13.48 -2.26
CA GLN A 487 7.17 13.94 -3.45
C GLN A 487 8.67 13.93 -3.18
N LEU A 488 9.07 14.33 -1.93
CA LEU A 488 10.46 14.38 -1.45
C LEU A 488 11.04 13.05 -1.00
N LEU A 489 10.25 11.97 -1.01
CA LEU A 489 10.71 10.62 -0.62
C LEU A 489 10.73 9.64 -1.81
N ASP A 490 10.55 10.10 -3.07
CA ASP A 490 10.56 9.19 -4.21
C ASP A 490 11.99 8.94 -4.75
N CYS A 491 12.08 8.34 -5.93
CA CYS A 491 13.30 8.00 -6.64
C CYS A 491 14.15 9.21 -7.05
N ASN A 492 13.55 10.41 -7.13
CA ASN A 492 14.27 11.62 -7.55
C ASN A 492 15.07 12.30 -6.48
N PHE A 493 15.00 11.81 -5.22
CA PHE A 493 15.71 12.41 -4.10
C PHE A 493 16.57 11.37 -3.38
N SER A 494 17.89 11.52 -3.41
CA SER A 494 18.78 10.59 -2.69
C SER A 494 19.55 11.26 -1.59
N ASP A 495 19.39 12.57 -1.39
CA ASP A 495 20.10 13.27 -0.36
C ASP A 495 19.45 13.00 0.97
N GLU A 496 20.26 12.57 1.91
CA GLU A 496 19.87 12.25 3.26
C GLU A 496 19.15 13.43 3.94
N ASN A 497 19.63 14.67 3.78
CA ASN A 497 19.01 15.82 4.42
C ASN A 497 17.73 16.30 3.74
N VAL A 498 17.58 16.09 2.43
CA VAL A 498 16.34 16.44 1.74
C VAL A 498 15.24 15.43 2.18
N ARG A 499 15.63 14.16 2.24
CA ARG A 499 14.75 13.11 2.65
C ARG A 499 14.39 13.26 4.15
N ALA A 500 15.30 13.79 5.00
CA ALA A 500 14.99 14.00 6.42
C ALA A 500 13.98 15.12 6.73
N ILE A 501 13.93 16.21 5.94
CA ILE A 501 12.93 17.27 6.17
C ILE A 501 11.53 16.70 5.88
N ALA A 502 11.41 15.77 4.91
CA ALA A 502 10.16 15.14 4.59
C ALA A 502 9.73 14.23 5.73
N VAL A 503 10.63 13.34 6.23
CA VAL A 503 10.33 12.43 7.34
C VAL A 503 9.94 13.19 8.61
N GLN A 504 10.53 14.36 8.80
CA GLN A 504 10.24 15.26 9.91
C GLN A 504 8.77 15.69 9.82
N LYS A 505 8.31 16.06 8.62
CA LYS A 505 6.93 16.47 8.44
C LYS A 505 5.95 15.33 8.69
N LEU A 506 6.36 14.08 8.47
CA LEU A 506 5.52 12.91 8.73
C LEU A 506 5.31 12.72 10.24
N GLU A 507 6.26 13.14 11.09
CA GLU A 507 6.14 12.97 12.55
C GLU A 507 4.85 13.59 13.11
N SER A 508 4.30 14.61 12.46
CA SER A 508 3.07 15.24 12.93
C SER A 508 1.82 14.45 12.63
N LEU A 509 1.90 13.42 11.76
CA LEU A 509 0.76 12.57 11.38
C LEU A 509 0.18 11.81 12.54
N GLU A 510 -1.13 11.82 12.68
CA GLU A 510 -1.78 10.97 13.69
C GLU A 510 -1.80 9.53 13.16
N ASP A 511 -1.91 8.54 14.07
CA ASP A 511 -1.91 7.10 13.73
C ASP A 511 -2.99 6.72 12.70
N ASP A 512 -4.12 7.41 12.73
CA ASP A 512 -5.21 7.27 11.79
C ASP A 512 -4.72 7.49 10.34
N ASP A 513 -3.82 8.47 10.15
CA ASP A 513 -3.24 8.86 8.88
C ASP A 513 -2.00 8.11 8.53
N VAL A 514 -1.22 7.68 9.52
CA VAL A 514 -0.06 6.83 9.27
C VAL A 514 -0.53 5.51 8.65
N LEU A 515 -1.69 4.96 9.11
CA LEU A 515 -2.30 3.77 8.55
C LEU A 515 -2.68 3.97 7.10
N HIS A 516 -3.16 5.16 6.72
CA HIS A 516 -3.54 5.46 5.35
C HIS A 516 -2.40 5.52 4.38
N TYR A 517 -1.21 5.89 4.85
CA TYR A 517 -0.06 6.00 3.97
C TYR A 517 1.03 4.98 4.20
N LEU A 518 0.84 4.05 5.14
CA LEU A 518 1.81 3.07 5.57
C LEU A 518 2.35 2.20 4.45
N LEU A 519 1.51 1.61 3.61
CA LEU A 519 1.97 0.79 2.51
C LEU A 519 2.81 1.61 1.52
N GLN A 520 2.45 2.87 1.29
CA GLN A 520 3.18 3.74 0.38
C GLN A 520 4.52 4.15 0.98
N LEU A 521 4.55 4.39 2.29
CA LEU A 521 5.77 4.72 3.03
C LEU A 521 6.71 3.52 3.14
N VAL A 522 6.16 2.31 3.24
CA VAL A 522 6.94 1.08 3.30
C VAL A 522 7.60 0.87 1.96
N GLN A 523 6.88 1.07 0.87
CA GLN A 523 7.46 0.97 -0.47
C GLN A 523 8.51 2.09 -0.70
N ALA A 524 8.33 3.27 -0.10
CA ALA A 524 9.29 4.37 -0.25
C ALA A 524 10.69 4.05 0.31
N VAL A 525 10.81 3.07 1.19
CA VAL A 525 12.11 2.62 1.71
C VAL A 525 12.97 2.08 0.56
N LYS A 526 12.34 1.52 -0.48
CA LYS A 526 13.04 1.05 -1.65
C LYS A 526 13.87 2.15 -2.32
N PHE A 527 13.56 3.43 -2.08
CA PHE A 527 14.28 4.56 -2.68
C PHE A 527 15.39 5.14 -1.82
N GLU A 528 15.64 4.58 -0.64
CA GLU A 528 16.64 5.08 0.26
C GLU A 528 18.00 4.55 -0.09
N PRO A 529 19.01 5.42 -0.26
CA PRO A 529 20.36 4.93 -0.57
C PRO A 529 20.86 3.88 0.43
N TYR A 530 20.56 4.08 1.74
CA TYR A 530 21.04 3.23 2.83
C TYR A 530 19.96 2.49 3.60
N HIS A 531 20.34 1.31 4.14
CA HIS A 531 19.46 0.43 4.94
C HIS A 531 18.91 1.14 6.19
N ASP A 532 19.77 1.88 6.89
CA ASP A 532 19.38 2.64 8.08
C ASP A 532 19.09 4.03 7.64
N SER A 533 17.83 4.39 7.64
CA SER A 533 17.39 5.70 7.19
C SER A 533 16.39 6.31 8.17
N ALA A 534 16.15 7.62 8.03
CA ALA A 534 15.18 8.34 8.84
C ALA A 534 13.76 7.76 8.62
N LEU A 535 13.45 7.26 7.39
CA LEU A 535 12.14 6.69 7.09
C LEU A 535 11.97 5.32 7.70
N ALA A 536 12.97 4.46 7.59
CA ALA A 536 12.97 3.15 8.23
C ALA A 536 12.80 3.28 9.76
N ARG A 537 13.37 4.35 10.35
CA ARG A 537 13.26 4.66 11.78
C ARG A 537 11.86 5.20 12.10
N PHE A 538 11.30 6.11 11.28
CA PHE A 538 9.96 6.62 11.51
C PHE A 538 8.95 5.46 11.47
N LEU A 539 9.03 4.56 10.46
CA LEU A 539 8.15 3.40 10.37
C LEU A 539 8.30 2.51 11.62
N LEU A 540 9.55 2.13 11.94
CA LEU A 540 9.89 1.30 13.11
C LEU A 540 9.26 1.88 14.40
N LYS A 541 9.52 3.16 14.66
CA LYS A 541 9.05 3.92 15.81
C LYS A 541 7.51 3.95 15.84
N ARG A 542 6.85 4.23 14.71
CA ARG A 542 5.39 4.30 14.68
C ARG A 542 4.71 2.92 14.85
N GLY A 543 5.39 1.88 14.40
CA GLY A 543 4.92 0.53 14.53
C GLY A 543 4.94 0.10 15.97
N LEU A 544 6.09 0.23 16.63
CA LEU A 544 6.28 -0.08 18.06
C LEU A 544 5.41 0.75 18.99
N ARG A 545 4.79 1.83 18.51
CA ARG A 545 3.98 2.73 19.31
C ARG A 545 2.49 2.38 19.24
N ASN A 546 2.03 1.85 18.10
CA ASN A 546 0.64 1.47 17.91
C ASN A 546 0.59 0.02 17.43
N LYS A 547 -0.20 -0.82 18.10
CA LYS A 547 -0.33 -2.24 17.75
C LYS A 547 -0.96 -2.39 16.39
N ARG A 548 -1.96 -1.54 16.06
CA ARG A 548 -2.63 -1.63 14.77
C ARG A 548 -1.65 -1.38 13.62
N ILE A 549 -0.80 -0.37 13.76
CA ILE A 549 0.23 -0.03 12.79
C ILE A 549 1.35 -1.07 12.75
N GLY A 550 1.65 -1.69 13.88
CA GLY A 550 2.66 -2.73 13.95
C GLY A 550 2.22 -3.98 13.20
N HIS A 551 0.94 -4.31 13.26
CA HIS A 551 0.40 -5.48 12.59
C HIS A 551 0.48 -5.31 11.09
N PHE A 552 -0.02 -4.17 10.58
CA PHE A 552 0.03 -3.85 9.16
C PHE A 552 1.48 -3.68 8.73
N LEU A 553 2.32 -2.98 9.49
CA LEU A 553 3.76 -2.89 9.20
C LEU A 553 4.37 -4.30 9.04
N PHE A 554 4.08 -5.24 9.97
CA PHE A 554 4.52 -6.64 9.86
C PHE A 554 4.13 -7.25 8.51
N TRP A 555 2.85 -7.21 8.15
CA TRP A 555 2.36 -7.84 6.93
C TRP A 555 2.86 -7.18 5.65
N PHE A 556 3.10 -5.86 5.69
CA PHE A 556 3.62 -5.13 4.55
C PHE A 556 5.05 -5.51 4.37
N LEU A 557 5.85 -5.50 5.45
CA LEU A 557 7.24 -5.88 5.40
C LEU A 557 7.38 -7.36 5.01
N ARG A 558 6.52 -8.22 5.54
CA ARG A 558 6.54 -9.63 5.24
C ARG A 558 6.15 -9.93 3.80
N SER A 559 5.18 -9.19 3.21
CA SER A 559 4.81 -9.42 1.81
C SER A 559 6.01 -9.17 0.87
N GLU A 560 6.81 -8.11 1.12
CA GLU A 560 7.99 -7.79 0.34
C GLU A 560 9.17 -8.74 0.53
N ILE A 561 9.42 -9.21 1.76
CA ILE A 561 10.51 -10.14 2.02
C ILE A 561 10.27 -11.43 1.26
N ALA A 562 9.02 -11.91 1.24
CA ALA A 562 8.63 -13.14 0.54
C ALA A 562 8.71 -13.09 -1.00
N GLN A 563 8.54 -11.91 -1.64
CA GLN A 563 8.58 -11.89 -3.10
C GLN A 563 9.49 -10.88 -3.72
N SER A 564 10.49 -10.40 -2.98
CA SER A 564 11.42 -9.40 -3.52
C SER A 564 12.84 -9.69 -3.09
N ARG A 565 13.67 -10.37 -3.91
CA ARG A 565 15.08 -10.59 -3.52
C ARG A 565 15.86 -9.25 -3.49
N HIS A 566 15.39 -8.24 -4.27
CA HIS A 566 16.06 -6.95 -4.38
C HIS A 566 16.08 -6.18 -3.08
N TYR A 567 15.04 -6.37 -2.24
CA TYR A 567 14.86 -5.63 -1.00
C TYR A 567 14.53 -6.48 0.23
N GLN A 568 14.50 -7.84 0.10
CA GLN A 568 14.20 -8.68 1.23
C GLN A 568 15.20 -8.50 2.37
N GLN A 569 16.52 -8.45 2.10
CA GLN A 569 17.51 -8.22 3.17
C GLN A 569 17.24 -6.97 3.98
N ARG A 570 17.03 -5.84 3.33
CA ARG A 570 16.74 -4.57 4.00
C ARG A 570 15.46 -4.60 4.83
N PHE A 571 14.37 -5.12 4.25
CA PHE A 571 13.09 -5.19 4.92
C PHE A 571 13.09 -6.17 6.06
N ALA A 572 13.87 -7.27 5.95
CA ALA A 572 13.99 -8.26 7.02
C ALA A 572 14.74 -7.70 8.24
N VAL A 573 15.66 -6.76 8.02
CA VAL A 573 16.37 -6.10 9.10
C VAL A 573 15.39 -5.09 9.77
N ILE A 574 14.53 -4.42 9.00
CA ILE A 574 13.56 -3.50 9.59
C ILE A 574 12.50 -4.30 10.35
N LEU A 575 12.08 -5.47 9.82
CA LEU A 575 11.09 -6.28 10.49
C LEU A 575 11.65 -6.85 11.77
N GLU A 576 12.89 -7.40 11.75
CA GLU A 576 13.48 -7.94 12.98
C GLU A 576 13.49 -6.90 14.11
N ALA A 577 13.97 -5.68 13.81
CA ALA A 577 13.96 -4.53 14.75
C ALA A 577 12.55 -4.27 15.31
N TYR A 578 11.48 -4.42 14.49
CA TYR A 578 10.12 -4.25 14.97
C TYR A 578 9.75 -5.46 15.88
N LEU A 579 10.00 -6.66 15.37
CA LEU A 579 9.67 -7.90 16.04
C LEU A 579 10.29 -8.02 17.44
N ARG A 580 11.41 -7.31 17.66
CA ARG A 580 12.10 -7.28 18.93
C ARG A 580 11.61 -6.15 19.87
N GLY A 581 10.46 -5.56 19.60
CA GLY A 581 9.93 -4.49 20.44
C GLY A 581 8.44 -4.54 20.66
N CYS A 582 7.70 -5.25 19.78
CA CYS A 582 6.24 -5.37 19.83
C CYS A 582 5.73 -6.02 21.09
N GLY A 583 6.50 -6.95 21.66
CA GLY A 583 6.09 -7.65 22.86
C GLY A 583 5.54 -9.02 22.56
N THR A 584 5.78 -9.99 23.48
CA THR A 584 5.38 -11.40 23.35
C THR A 584 3.89 -11.65 23.15
N ALA A 585 3.00 -10.67 23.39
CA ALA A 585 1.58 -10.87 23.09
C ALA A 585 1.42 -10.76 21.56
N MET A 586 2.08 -9.77 20.93
CA MET A 586 2.04 -9.57 19.49
C MET A 586 2.83 -10.67 18.81
N LEU A 587 4.03 -10.98 19.31
CA LEU A 587 4.84 -12.07 18.73
C LEU A 587 4.06 -13.40 18.71
N HIS A 588 3.27 -13.63 19.76
CA HIS A 588 2.41 -14.80 19.85
C HIS A 588 1.36 -14.81 18.73
N ASP A 589 0.61 -13.71 18.53
CA ASP A 589 -0.40 -13.60 17.48
C ASP A 589 0.17 -13.78 16.09
N PHE A 590 1.32 -13.16 15.79
CA PHE A 590 2.00 -13.28 14.51
C PHE A 590 2.37 -14.74 14.24
N THR A 591 2.77 -15.48 15.28
CA THR A 591 3.13 -16.90 15.13
C THR A 591 1.94 -17.74 14.68
N GLN A 592 0.79 -17.58 15.37
CA GLN A 592 -0.46 -18.25 15.08
C GLN A 592 -0.94 -17.89 13.69
N GLN A 593 -0.74 -16.62 13.25
CA GLN A 593 -1.15 -16.15 11.92
C GLN A 593 -0.25 -16.74 10.83
N VAL A 594 1.07 -16.79 11.06
CA VAL A 594 2.00 -17.34 10.08
C VAL A 594 1.73 -18.83 9.84
N GLN A 595 1.48 -19.60 10.90
CA GLN A 595 1.19 -21.02 10.77
C GLN A 595 -0.05 -21.30 9.94
N VAL A 596 -1.15 -20.58 10.22
CA VAL A 596 -2.39 -20.76 9.49
C VAL A 596 -2.23 -20.43 8.01
N ILE A 597 -1.62 -19.29 7.67
CA ILE A 597 -1.44 -18.94 6.26
C ILE A 597 -0.57 -19.97 5.53
N GLU A 598 0.51 -20.47 6.15
CA GLU A 598 1.39 -21.47 5.54
C GLU A 598 0.67 -22.80 5.26
N MET A 599 -0.11 -23.30 6.23
CA MET A 599 -0.85 -24.55 6.04
C MET A 599 -1.87 -24.40 4.92
N LEU A 600 -2.59 -23.28 4.91
CA LEU A 600 -3.60 -23.02 3.89
C LEU A 600 -2.97 -22.76 2.52
N GLN A 601 -1.78 -22.18 2.49
CA GLN A 601 -1.06 -21.94 1.23
C GLN A 601 -0.59 -23.25 0.61
N LYS A 602 -0.29 -24.28 1.43
CA LYS A 602 0.11 -25.58 0.90
C LYS A 602 -1.12 -26.20 0.20
N VAL A 603 -2.28 -26.16 0.88
CA VAL A 603 -3.52 -26.71 0.37
C VAL A 603 -4.00 -26.01 -0.90
N THR A 604 -3.81 -24.68 -1.00
CA THR A 604 -4.21 -23.90 -2.17
C THR A 604 -3.42 -24.31 -3.42
N LEU A 605 -2.11 -24.52 -3.26
CA LEU A 605 -1.23 -24.90 -4.38
C LEU A 605 -1.43 -26.35 -4.80
N ASP A 606 -1.78 -27.24 -3.85
CA ASP A 606 -2.06 -28.66 -4.13
C ASP A 606 -3.37 -28.85 -4.91
N ILE A 607 -4.40 -28.08 -4.58
CA ILE A 607 -5.70 -28.17 -5.22
C ILE A 607 -5.66 -27.73 -6.69
N LYS A 608 -4.83 -26.73 -7.01
CA LYS A 608 -4.72 -26.17 -8.35
C LYS A 608 -4.13 -27.16 -9.35
N SER A 609 -3.07 -27.86 -8.94
CA SER A 609 -2.39 -28.86 -9.77
C SER A 609 -3.27 -30.08 -10.04
N LEU A 610 -4.14 -30.43 -9.08
CA LEU A 610 -5.06 -31.55 -9.14
C LEU A 610 -6.04 -31.47 -10.33
N SER A 611 -6.60 -30.28 -10.59
CA SER A 611 -7.57 -30.11 -11.68
C SER A 611 -6.90 -29.68 -13.02
N ALA A 612 -7.16 -28.43 -13.51
CA ALA A 612 -6.65 -27.81 -14.74
C ALA A 612 -7.20 -26.40 -14.86
N GLU A 613 -6.39 -25.42 -15.29
CA GLU A 613 -6.89 -24.06 -15.53
C GLU A 613 -7.82 -24.00 -16.79
N LYS A 614 -7.88 -25.09 -17.56
CA LYS A 614 -8.70 -25.29 -18.75
C LYS A 614 -10.09 -25.88 -18.41
N TYR A 615 -10.32 -26.32 -17.15
CA TYR A 615 -11.56 -26.97 -16.80
C TYR A 615 -12.24 -26.44 -15.52
N ASP A 616 -13.43 -27.02 -15.18
CA ASP A 616 -14.26 -26.67 -14.03
C ASP A 616 -14.01 -27.61 -12.84
N VAL A 617 -14.44 -27.20 -11.63
CA VAL A 617 -14.29 -27.99 -10.41
C VAL A 617 -15.23 -29.19 -10.40
N SER A 618 -14.78 -30.32 -9.84
CA SER A 618 -15.61 -31.52 -9.76
C SER A 618 -15.82 -32.02 -8.31
N SER A 619 -16.74 -32.99 -8.10
CA SER A 619 -17.05 -33.61 -6.81
C SER A 619 -15.81 -34.26 -6.20
N GLN A 620 -14.97 -34.86 -7.04
CA GLN A 620 -13.71 -35.51 -6.70
C GLN A 620 -12.66 -34.48 -6.17
N VAL A 621 -12.77 -33.20 -6.57
CA VAL A 621 -11.84 -32.18 -6.08
C VAL A 621 -12.37 -31.53 -4.79
N ILE A 622 -13.70 -31.40 -4.64
CA ILE A 622 -14.32 -30.82 -3.44
C ILE A 622 -14.24 -31.79 -2.25
N SER A 623 -14.45 -33.09 -2.48
CA SER A 623 -14.29 -34.07 -1.40
C SER A 623 -12.81 -34.18 -0.99
N GLN A 624 -11.88 -34.03 -1.96
CA GLN A 624 -10.44 -34.04 -1.73
C GLN A 624 -10.03 -32.90 -0.80
N LEU A 625 -10.69 -31.73 -0.95
CA LEU A 625 -10.43 -30.53 -0.15
C LEU A 625 -10.95 -30.71 1.28
N LYS A 626 -12.13 -31.32 1.43
CA LYS A 626 -12.73 -31.56 2.73
C LYS A 626 -11.92 -32.56 3.56
N GLN A 627 -11.31 -33.55 2.91
CA GLN A 627 -10.47 -34.52 3.61
C GLN A 627 -9.13 -33.90 4.05
N LYS A 628 -8.61 -32.92 3.28
CA LYS A 628 -7.36 -32.22 3.61
C LYS A 628 -7.59 -31.25 4.78
N LEU A 629 -8.72 -30.54 4.78
CA LEU A 629 -9.07 -29.58 5.83
C LEU A 629 -9.36 -30.28 7.15
N GLU A 630 -9.99 -31.47 7.09
CA GLU A 630 -10.29 -32.27 8.27
C GLU A 630 -9.01 -32.81 8.94
N ASN A 631 -7.94 -33.02 8.14
CA ASN A 631 -6.67 -33.51 8.64
C ASN A 631 -5.98 -32.42 9.46
N LEU A 632 -5.97 -31.19 8.95
CA LEU A 632 -5.34 -30.06 9.60
C LEU A 632 -6.03 -29.63 10.90
N GLN A 633 -7.38 -29.41 10.87
CA GLN A 633 -8.21 -28.94 11.99
C GLN A 633 -7.86 -29.61 13.32
N ASN A 634 -7.95 -30.94 13.37
CA ASN A 634 -7.64 -31.68 14.59
C ASN A 634 -6.25 -32.27 14.51
N SER A 635 -5.25 -31.39 14.60
CA SER A 635 -3.82 -31.72 14.58
C SER A 635 -2.96 -30.50 15.02
N GLN A 636 -2.35 -29.73 14.10
CA GLN A 636 -1.51 -28.61 14.48
C GLN A 636 -1.97 -27.25 13.96
N LEU A 637 -3.20 -27.16 13.43
CA LEU A 637 -3.75 -25.87 12.98
C LEU A 637 -4.07 -25.06 14.24
N PRO A 638 -3.48 -23.87 14.40
CA PRO A 638 -3.74 -23.08 15.63
C PRO A 638 -5.19 -22.95 16.05
N GLU A 639 -5.46 -23.08 17.36
CA GLU A 639 -6.79 -23.01 17.98
C GLU A 639 -7.55 -21.74 17.62
N SER A 640 -6.83 -20.65 17.38
CA SER A 640 -7.40 -19.36 16.99
C SER A 640 -6.29 -18.41 16.52
N PHE A 641 -6.55 -17.71 15.40
CA PHE A 641 -5.63 -16.74 14.81
C PHE A 641 -6.34 -15.41 14.58
N ARG A 642 -5.59 -14.32 14.47
CA ARG A 642 -6.14 -12.99 14.25
C ARG A 642 -6.20 -12.71 12.77
N VAL A 643 -7.38 -12.34 12.22
CA VAL A 643 -7.55 -12.08 10.78
C VAL A 643 -6.55 -11.02 10.30
N PRO A 644 -5.62 -11.38 9.39
CA PRO A 644 -4.58 -10.42 9.00
C PRO A 644 -5.09 -9.09 8.41
N TYR A 645 -6.20 -9.10 7.69
CA TYR A 645 -6.70 -7.84 7.10
C TYR A 645 -7.67 -7.09 8.06
N ASP A 646 -8.10 -7.75 9.17
CA ASP A 646 -8.95 -7.19 10.20
C ASP A 646 -8.44 -7.69 11.55
N PRO A 647 -7.33 -7.12 12.05
CA PRO A 647 -6.76 -7.61 13.31
C PRO A 647 -7.68 -7.50 14.57
N GLY A 648 -8.82 -6.84 14.41
CA GLY A 648 -9.81 -6.77 15.47
C GLY A 648 -10.50 -8.11 15.64
N LEU A 649 -10.68 -8.85 14.54
CA LEU A 649 -11.34 -10.16 14.52
C LEU A 649 -10.40 -11.29 14.86
N LYS A 650 -10.87 -12.27 15.64
CA LYS A 650 -10.08 -13.47 15.93
C LYS A 650 -10.86 -14.63 15.37
N ALA A 651 -10.36 -15.23 14.29
CA ALA A 651 -11.03 -16.36 13.66
C ALA A 651 -10.70 -17.61 14.41
N GLY A 652 -11.74 -18.36 14.75
CA GLY A 652 -11.62 -19.61 15.47
C GLY A 652 -11.45 -20.79 14.56
N ALA A 653 -12.12 -21.90 14.86
CA ALA A 653 -12.01 -23.12 14.09
C ALA A 653 -12.74 -23.05 12.75
N LEU A 654 -12.20 -23.72 11.72
CA LEU A 654 -12.81 -23.79 10.39
C LEU A 654 -14.25 -24.34 10.38
N ALA A 655 -15.02 -23.98 9.36
CA ALA A 655 -16.39 -24.45 9.17
C ALA A 655 -16.44 -25.27 7.87
N ILE A 656 -15.61 -26.34 7.85
CA ILE A 656 -15.41 -27.31 6.77
C ILE A 656 -16.63 -27.60 5.88
N GLU A 657 -17.82 -27.83 6.47
CA GLU A 657 -19.01 -28.12 5.65
C GLU A 657 -19.51 -26.94 4.79
N LYS A 658 -18.76 -25.83 4.78
CA LYS A 658 -19.06 -24.61 4.02
C LYS A 658 -17.84 -24.09 3.22
N CYS A 659 -16.68 -24.77 3.32
CA CYS A 659 -15.47 -24.47 2.59
C CYS A 659 -15.54 -25.10 1.20
N LYS A 660 -14.96 -24.47 0.18
CA LYS A 660 -14.98 -25.02 -1.17
C LYS A 660 -13.87 -24.47 -2.09
N VAL A 661 -13.66 -25.12 -3.24
CA VAL A 661 -12.72 -24.65 -4.23
C VAL A 661 -13.59 -23.89 -5.23
N MET A 662 -13.29 -22.60 -5.47
CA MET A 662 -14.10 -21.79 -6.35
C MET A 662 -14.00 -22.18 -7.80
N ALA A 663 -15.10 -22.04 -8.53
CA ALA A 663 -15.15 -22.39 -9.95
C ALA A 663 -14.53 -21.27 -10.81
N SER A 664 -13.35 -20.78 -10.42
CA SER A 664 -12.57 -19.77 -11.13
C SER A 664 -11.51 -20.53 -12.01
N LYS A 665 -10.47 -19.83 -12.52
CA LYS A 665 -9.41 -20.50 -13.30
C LYS A 665 -8.12 -20.61 -12.45
N LYS A 666 -7.91 -19.67 -11.47
CA LYS A 666 -6.81 -19.76 -10.52
C LYS A 666 -7.26 -20.54 -9.24
N LYS A 667 -8.26 -21.46 -9.39
CA LYS A 667 -8.91 -22.29 -8.37
C LYS A 667 -8.58 -21.91 -6.90
N PRO A 668 -9.12 -20.79 -6.38
CA PRO A 668 -8.84 -20.39 -4.99
C PRO A 668 -9.72 -21.08 -3.97
N LEU A 669 -9.35 -21.02 -2.69
CA LEU A 669 -10.13 -21.63 -1.63
C LEU A 669 -11.06 -20.64 -0.95
N TRP A 670 -12.36 -20.94 -0.90
CA TRP A 670 -13.39 -20.16 -0.19
C TRP A 670 -13.46 -20.80 1.17
N LEU A 671 -12.93 -20.16 2.20
CA LEU A 671 -12.89 -20.72 3.53
C LEU A 671 -13.82 -19.98 4.49
N GLU A 672 -14.44 -20.70 5.43
CA GLU A 672 -15.31 -20.08 6.41
C GLU A 672 -14.88 -20.51 7.79
N PHE A 673 -14.80 -19.58 8.74
CA PHE A 673 -14.33 -19.87 10.09
C PHE A 673 -15.35 -19.44 11.12
N LYS A 674 -15.43 -20.13 12.26
CA LYS A 674 -16.28 -19.71 13.37
C LYS A 674 -15.56 -18.52 14.07
N CYS A 675 -16.27 -17.70 14.87
CA CYS A 675 -15.61 -16.58 15.55
C CYS A 675 -15.12 -17.06 16.91
N ALA A 676 -13.84 -16.82 17.21
CA ALA A 676 -13.27 -17.26 18.49
C ALA A 676 -13.67 -16.41 19.69
N ASP A 677 -14.61 -15.49 19.52
CA ASP A 677 -15.07 -14.64 20.61
C ASP A 677 -16.49 -15.03 20.96
N PRO A 678 -16.70 -15.53 22.19
CA PRO A 678 -18.06 -15.88 22.60
C PRO A 678 -18.92 -14.66 22.93
N THR A 679 -18.32 -13.45 23.00
CA THR A 679 -19.04 -12.20 23.25
C THR A 679 -19.52 -11.52 21.94
N ALA A 680 -19.12 -12.04 20.75
CA ALA A 680 -19.50 -11.49 19.43
C ALA A 680 -21.02 -11.42 19.33
N LEU A 681 -21.57 -10.27 18.91
CA LEU A 681 -23.01 -10.04 18.84
C LEU A 681 -23.77 -10.90 17.81
N SER A 682 -23.04 -11.56 16.91
CA SER A 682 -23.62 -12.35 15.85
C SER A 682 -23.00 -13.74 15.73
N ASN A 683 -23.78 -14.67 15.18
CA ASN A 683 -23.36 -16.04 14.92
C ASN A 683 -22.78 -16.24 13.50
N GLU A 684 -22.52 -15.14 12.76
CA GLU A 684 -22.00 -15.19 11.39
C GLU A 684 -20.56 -15.66 11.34
N THR A 685 -20.22 -16.49 10.33
CA THR A 685 -18.84 -16.97 10.15
C THR A 685 -17.94 -15.87 9.59
N ILE A 686 -16.63 -16.07 9.64
CA ILE A 686 -15.63 -15.18 9.10
C ILE A 686 -15.14 -15.83 7.80
N GLY A 687 -15.52 -15.26 6.65
CA GLY A 687 -15.11 -15.80 5.36
C GLY A 687 -13.80 -15.24 4.83
N ILE A 688 -12.84 -16.13 4.50
CA ILE A 688 -11.58 -15.71 3.88
C ILE A 688 -11.38 -16.49 2.56
N ILE A 689 -10.95 -15.83 1.50
CA ILE A 689 -10.65 -16.45 0.22
C ILE A 689 -9.14 -16.49 0.11
N PHE A 690 -8.59 -17.68 -0.13
CA PHE A 690 -7.16 -17.93 -0.26
C PHE A 690 -6.80 -18.17 -1.72
N LYS A 691 -6.14 -17.21 -2.36
CA LYS A 691 -5.82 -17.35 -3.79
C LYS A 691 -4.34 -17.29 -4.14
N HIS A 692 -3.93 -18.12 -5.11
CA HIS A 692 -2.60 -18.16 -5.70
C HIS A 692 -2.74 -17.95 -7.22
N GLY A 693 -1.97 -17.02 -7.80
CA GLY A 693 -2.03 -16.82 -9.25
C GLY A 693 -2.14 -15.41 -9.79
N ASP A 694 -2.33 -14.43 -8.90
CA ASP A 694 -2.42 -13.00 -9.23
C ASP A 694 -1.50 -12.20 -8.27
N ASP A 695 -1.09 -10.96 -8.66
CA ASP A 695 -0.28 -10.15 -7.73
C ASP A 695 -1.24 -9.37 -6.85
N LEU A 696 -1.46 -9.84 -5.61
CA LEU A 696 -2.33 -9.14 -4.68
C LEU A 696 -1.71 -7.83 -4.18
N ARG A 697 -0.41 -7.57 -4.45
CA ARG A 697 0.21 -6.32 -4.09
C ARG A 697 -0.38 -5.20 -4.92
N GLN A 698 -0.65 -5.44 -6.21
CA GLN A 698 -1.29 -4.43 -7.05
C GLN A 698 -2.72 -4.11 -6.53
N ASP A 699 -3.43 -5.12 -6.00
CA ASP A 699 -4.77 -4.94 -5.42
C ASP A 699 -4.67 -4.15 -4.13
N MET A 700 -3.66 -4.46 -3.29
CA MET A 700 -3.38 -3.74 -2.04
C MET A 700 -3.21 -2.26 -2.30
N LEU A 701 -2.34 -1.90 -3.26
CA LEU A 701 -2.06 -0.52 -3.65
C LEU A 701 -3.29 0.22 -4.12
N ILE A 702 -4.13 -0.42 -4.96
CA ILE A 702 -5.40 0.20 -5.42
C ILE A 702 -6.36 0.43 -4.25
N LEU A 703 -6.57 -0.58 -3.39
CA LEU A 703 -7.44 -0.46 -2.21
C LEU A 703 -6.98 0.64 -1.27
N GLN A 704 -5.67 0.88 -1.22
CA GLN A 704 -5.13 1.90 -0.36
C GLN A 704 -5.40 3.26 -0.94
N ILE A 705 -5.28 3.44 -2.27
CA ILE A 705 -5.64 4.70 -2.90
C ILE A 705 -7.12 4.97 -2.73
N LEU A 706 -7.94 3.92 -2.85
CA LEU A 706 -9.38 3.98 -2.63
C LEU A 706 -9.74 4.45 -1.21
N ARG A 707 -8.94 4.09 -0.21
CA ARG A 707 -9.16 4.52 1.16
C ARG A 707 -8.78 5.97 1.37
N ILE A 708 -7.74 6.43 0.68
CA ILE A 708 -7.25 7.80 0.68
C ILE A 708 -8.30 8.67 -0.03
N MET A 709 -8.86 8.21 -1.16
CA MET A 709 -9.89 8.92 -1.89
C MET A 709 -11.14 9.08 -1.03
N GLU A 710 -11.44 8.08 -0.20
CA GLU A 710 -12.57 8.10 0.71
C GLU A 710 -12.35 9.19 1.78
N SER A 711 -11.11 9.33 2.27
CA SER A 711 -10.79 10.34 3.25
C SER A 711 -10.76 11.74 2.62
N ILE A 712 -10.40 11.86 1.35
CA ILE A 712 -10.43 13.12 0.62
C ILE A 712 -11.87 13.58 0.49
N TRP A 713 -12.80 12.65 0.26
CA TRP A 713 -14.22 12.98 0.21
C TRP A 713 -14.76 13.27 1.61
N GLU A 714 -14.21 12.65 2.66
CA GLU A 714 -14.62 12.90 4.04
C GLU A 714 -14.35 14.37 4.43
N THR A 715 -13.28 14.99 3.86
CA THR A 715 -12.95 16.39 4.11
C THR A 715 -14.05 17.32 3.58
N GLU A 716 -14.55 17.04 2.36
CA GLU A 716 -15.61 17.85 1.78
C GLU A 716 -17.02 17.33 2.10
N SER A 717 -17.16 16.57 3.20
CA SER A 717 -18.42 15.99 3.66
C SER A 717 -19.14 15.18 2.56
N LEU A 718 -18.43 14.20 1.98
CA LEU A 718 -18.94 13.34 0.91
C LEU A 718 -18.73 11.85 1.25
N ASP A 719 -19.81 11.06 1.28
CA ASP A 719 -19.74 9.62 1.52
C ASP A 719 -20.16 8.87 0.26
N LEU A 720 -19.18 8.45 -0.53
CA LEU A 720 -19.37 7.76 -1.81
C LEU A 720 -19.53 6.24 -1.71
N CYS A 721 -19.82 5.74 -0.50
CA CYS A 721 -20.14 4.35 -0.19
C CYS A 721 -19.20 3.27 -0.76
N LEU A 722 -17.91 3.59 -0.96
CA LEU A 722 -16.95 2.59 -1.46
C LEU A 722 -16.84 1.42 -0.49
N LEU A 723 -16.48 0.24 -1.00
CA LEU A 723 -16.29 -0.92 -0.16
C LEU A 723 -14.88 -1.48 -0.29
N PRO A 724 -13.84 -0.77 0.21
CA PRO A 724 -12.49 -1.33 0.14
C PRO A 724 -12.42 -2.54 1.08
N TYR A 725 -12.39 -3.69 0.48
CA TYR A 725 -12.40 -4.96 1.20
C TYR A 725 -11.00 -5.30 1.68
N GLY A 726 -10.91 -6.25 2.58
CA GLY A 726 -9.63 -6.73 3.07
C GLY A 726 -8.92 -7.55 2.03
N CYS A 727 -7.66 -7.26 1.81
CA CYS A 727 -6.82 -7.95 0.86
C CYS A 727 -5.42 -7.83 1.36
N ILE A 728 -4.76 -8.94 1.55
CA ILE A 728 -3.42 -8.93 2.09
C ILE A 728 -2.51 -9.93 1.36
N SER A 729 -1.36 -9.49 0.83
CA SER A 729 -0.38 -10.34 0.17
C SER A 729 0.42 -11.03 1.28
N THR A 730 0.40 -12.35 1.35
CA THR A 730 1.10 -13.06 2.44
C THR A 730 2.47 -13.68 2.00
N GLY A 731 2.63 -13.90 0.68
CA GLY A 731 3.83 -14.46 0.07
C GLY A 731 3.88 -14.34 -1.44
N ASP A 732 4.62 -15.27 -2.09
CA ASP A 732 4.84 -15.28 -3.54
C ASP A 732 3.58 -15.61 -4.44
N LYS A 733 2.94 -14.53 -5.00
CA LYS A 733 1.73 -14.53 -5.87
C LYS A 733 0.47 -15.13 -5.20
N ILE A 734 0.51 -15.20 -3.86
CA ILE A 734 -0.52 -15.77 -3.02
C ILE A 734 -0.93 -14.78 -1.85
N GLY A 735 -2.15 -14.94 -1.32
CA GLY A 735 -2.63 -14.06 -0.25
C GLY A 735 -4.07 -14.26 0.15
N MET A 736 -4.58 -13.37 1.00
CA MET A 736 -5.96 -13.45 1.49
C MET A 736 -6.87 -12.33 1.02
N ILE A 737 -8.14 -12.67 0.78
CA ILE A 737 -9.13 -11.70 0.34
C ILE A 737 -10.40 -11.87 1.15
N GLU A 738 -11.06 -10.77 1.49
CA GLU A 738 -12.26 -10.78 2.29
C GLU A 738 -13.49 -11.34 1.58
N ILE A 739 -14.27 -12.16 2.28
CA ILE A 739 -15.53 -12.63 1.75
C ILE A 739 -16.59 -11.62 2.18
N VAL A 740 -17.25 -11.06 1.20
CA VAL A 740 -18.29 -10.09 1.42
C VAL A 740 -19.61 -10.81 1.53
N LYS A 741 -20.19 -10.74 2.71
CA LYS A 741 -21.43 -11.42 2.98
C LYS A 741 -22.60 -10.78 2.26
N ASP A 742 -23.50 -11.63 1.73
CA ASP A 742 -24.69 -11.26 0.95
C ASP A 742 -24.31 -10.35 -0.21
N ALA A 743 -23.41 -10.83 -1.09
CA ALA A 743 -22.93 -10.09 -2.28
C ALA A 743 -22.68 -11.04 -3.47
N THR A 744 -23.10 -10.62 -4.66
CA THR A 744 -22.90 -11.39 -5.87
C THR A 744 -22.32 -10.50 -6.99
N THR A 745 -21.84 -11.10 -8.08
CA THR A 745 -21.25 -10.29 -9.16
C THR A 745 -22.32 -9.76 -10.10
N ILE A 746 -22.02 -8.71 -10.85
CA ILE A 746 -22.98 -8.17 -11.83
C ILE A 746 -23.20 -9.19 -12.98
N ALA A 747 -22.15 -10.00 -13.29
CA ALA A 747 -22.24 -11.04 -14.29
C ALA A 747 -23.21 -12.13 -13.88
N LYS A 748 -23.18 -12.60 -12.62
CA LYS A 748 -24.10 -13.66 -12.19
C LYS A 748 -25.56 -13.21 -12.17
N ILE A 749 -25.80 -11.92 -11.94
CA ILE A 749 -27.15 -11.37 -12.02
C ILE A 749 -27.61 -11.44 -13.51
N GLN A 750 -26.68 -11.22 -14.47
CA GLN A 750 -26.97 -11.31 -15.89
C GLN A 750 -27.11 -12.75 -16.36
N GLN A 751 -26.29 -13.68 -15.82
CA GLN A 751 -26.39 -15.09 -16.20
C GLN A 751 -27.60 -15.80 -15.55
N SER A 752 -28.24 -15.16 -14.55
CA SER A 752 -29.44 -15.70 -13.93
C SER A 752 -30.57 -15.69 -14.94
N THR A 753 -30.71 -14.61 -15.71
CA THR A 753 -31.77 -14.54 -16.72
C THR A 753 -31.41 -15.38 -17.96
N VAL A 754 -30.11 -15.38 -18.34
CA VAL A 754 -29.60 -16.15 -19.48
C VAL A 754 -28.13 -16.57 -19.28
N GLY A 755 -27.90 -17.86 -19.12
CA GLY A 755 -26.58 -18.43 -18.84
C GLY A 755 -25.61 -18.62 -20.00
N ASN A 756 -24.33 -18.29 -19.73
CA ASN A 756 -23.16 -18.38 -20.63
C ASN A 756 -23.41 -17.80 -22.04
N THR A 757 -23.47 -16.46 -22.05
CA THR A 757 -23.62 -15.45 -23.10
C THR A 757 -23.00 -14.13 -22.45
N GLY A 758 -22.90 -13.00 -23.15
CA GLY A 758 -23.42 -12.74 -24.48
C GLY A 758 -24.70 -11.93 -24.35
N ALA A 759 -25.83 -12.63 -24.18
CA ALA A 759 -27.14 -12.01 -24.02
C ALA A 759 -27.22 -11.22 -22.73
N PHE A 760 -27.52 -9.92 -22.82
CA PHE A 760 -27.65 -9.08 -21.63
C PHE A 760 -29.02 -8.38 -21.64
N LYS A 761 -29.61 -8.18 -20.46
CA LYS A 761 -30.89 -7.51 -20.34
C LYS A 761 -30.74 -6.33 -19.39
N ASP A 762 -31.36 -5.19 -19.73
CA ASP A 762 -31.23 -3.98 -18.93
C ASP A 762 -31.97 -3.99 -17.60
N GLU A 763 -33.05 -4.79 -17.49
CA GLU A 763 -33.92 -4.82 -16.31
C GLU A 763 -33.61 -5.83 -15.19
N VAL A 764 -32.47 -6.54 -15.19
CA VAL A 764 -32.24 -7.57 -14.19
C VAL A 764 -31.69 -7.03 -12.85
N LEU A 765 -30.82 -6.02 -12.86
CA LEU A 765 -30.27 -5.48 -11.61
C LEU A 765 -31.33 -4.91 -10.68
N ASN A 766 -32.31 -4.18 -11.23
CA ASN A 766 -33.38 -3.61 -10.41
C ASN A 766 -34.38 -4.65 -9.91
N HIS A 767 -34.44 -5.82 -10.55
CA HIS A 767 -35.30 -6.92 -10.13
C HIS A 767 -34.64 -7.73 -9.01
N TRP A 768 -33.30 -7.84 -9.03
CA TRP A 768 -32.54 -8.55 -8.00
C TRP A 768 -32.56 -7.77 -6.69
N LEU A 769 -32.57 -6.43 -6.77
CA LEU A 769 -32.61 -5.56 -5.60
C LEU A 769 -33.99 -5.59 -4.94
N LYS A 770 -35.06 -5.58 -5.74
CA LYS A 770 -36.42 -5.66 -5.19
C LYS A 770 -36.72 -7.02 -4.54
N GLU A 771 -35.90 -8.06 -4.83
CA GLU A 771 -36.06 -9.41 -4.34
C GLU A 771 -35.33 -9.60 -3.01
N LYS A 772 -34.08 -9.14 -2.94
CA LYS A 772 -33.25 -9.24 -1.73
C LYS A 772 -33.54 -8.06 -0.79
N SER A 773 -34.83 -7.68 -0.67
CA SER A 773 -35.33 -6.60 0.18
C SER A 773 -36.59 -7.07 0.88
N PRO A 774 -36.63 -7.02 2.22
CA PRO A 774 -37.82 -7.48 2.94
C PRO A 774 -39.00 -6.52 2.84
N THR A 775 -38.70 -5.21 2.91
CA THR A 775 -39.67 -4.13 2.83
C THR A 775 -39.32 -3.17 1.70
N GLU A 776 -40.28 -2.37 1.23
CA GLU A 776 -40.04 -1.35 0.21
C GLU A 776 -39.04 -0.29 0.74
N GLU A 777 -39.06 -0.03 2.06
CA GLU A 777 -38.17 0.91 2.77
C GLU A 777 -36.73 0.47 2.63
N LYS A 778 -36.48 -0.84 2.74
CA LYS A 778 -35.13 -1.37 2.59
C LYS A 778 -34.70 -1.36 1.11
N PHE A 779 -35.65 -1.52 0.17
CA PHE A 779 -35.37 -1.44 -1.26
C PHE A 779 -35.00 -0.01 -1.66
N GLN A 780 -35.69 1.00 -1.12
CA GLN A 780 -35.34 2.39 -1.42
C GLN A 780 -33.92 2.71 -0.93
N ALA A 781 -33.52 2.13 0.21
CA ALA A 781 -32.17 2.31 0.76
C ALA A 781 -31.09 1.70 -0.15
N ALA A 782 -31.43 0.61 -0.86
CA ALA A 782 -30.54 -0.06 -1.80
C ALA A 782 -30.34 0.81 -3.05
N VAL A 783 -31.41 1.37 -3.63
CA VAL A 783 -31.28 2.27 -4.79
C VAL A 783 -30.44 3.50 -4.42
N GLU A 784 -30.62 4.00 -3.18
CA GLU A 784 -29.90 5.14 -2.60
C GLU A 784 -28.41 4.82 -2.44
N ARG A 785 -28.08 3.65 -1.87
CA ARG A 785 -26.69 3.22 -1.69
C ARG A 785 -26.01 2.99 -3.04
N PHE A 786 -26.77 2.54 -4.04
CA PHE A 786 -26.27 2.31 -5.40
C PHE A 786 -25.94 3.61 -6.10
N VAL A 787 -26.68 4.67 -5.81
CA VAL A 787 -26.43 5.99 -6.42
C VAL A 787 -25.07 6.54 -5.96
N TYR A 788 -24.70 6.37 -4.69
CA TYR A 788 -23.42 6.88 -4.18
C TYR A 788 -22.25 5.96 -4.50
N SER A 789 -22.43 4.63 -4.31
CA SER A 789 -21.37 3.63 -4.56
C SER A 789 -21.05 3.53 -6.04
N CYS A 790 -22.08 3.65 -6.91
CA CYS A 790 -21.86 3.62 -8.35
C CYS A 790 -21.12 4.89 -8.74
N ALA A 791 -21.60 6.05 -8.27
CA ALA A 791 -20.96 7.32 -8.58
C ALA A 791 -19.50 7.36 -8.11
N GLY A 792 -19.26 6.94 -6.88
CA GLY A 792 -17.92 6.91 -6.30
C GLY A 792 -16.96 5.96 -7.00
N TYR A 793 -17.47 4.85 -7.52
CA TYR A 793 -16.61 3.90 -8.24
C TYR A 793 -16.31 4.36 -9.65
N CYS A 794 -17.29 5.05 -10.29
CA CYS A 794 -17.15 5.64 -11.62
C CYS A 794 -15.96 6.66 -11.56
N VAL A 795 -16.01 7.59 -10.57
CA VAL A 795 -15.01 8.62 -10.35
C VAL A 795 -13.63 8.05 -10.08
N ALA A 796 -13.51 7.16 -9.08
CA ALA A 796 -12.25 6.55 -8.67
C ALA A 796 -11.59 5.73 -9.77
N THR A 797 -12.33 4.77 -10.35
CA THR A 797 -11.85 3.87 -11.40
C THR A 797 -11.33 4.68 -12.61
N PHE A 798 -12.03 5.75 -13.03
CA PHE A 798 -11.55 6.58 -14.15
C PHE A 798 -10.19 7.19 -13.79
N VAL A 799 -10.11 7.92 -12.66
CA VAL A 799 -8.91 8.59 -12.21
C VAL A 799 -7.70 7.62 -12.15
N LEU A 800 -7.94 6.35 -11.79
CA LEU A 800 -6.85 5.40 -11.66
C LEU A 800 -6.47 4.65 -12.93
N GLY A 801 -7.10 4.94 -14.05
CA GLY A 801 -6.81 4.26 -15.31
C GLY A 801 -7.26 2.82 -15.41
N ILE A 802 -8.01 2.36 -14.42
CA ILE A 802 -8.54 1.00 -14.36
C ILE A 802 -10.07 1.04 -14.57
N GLY A 803 -10.54 1.95 -15.42
CA GLY A 803 -11.96 2.14 -15.65
C GLY A 803 -12.70 1.16 -16.51
N ASP A 804 -12.02 0.50 -17.46
CA ASP A 804 -12.71 -0.42 -18.39
C ASP A 804 -12.62 -1.89 -17.98
N ARG A 805 -13.49 -2.32 -17.09
CA ARG A 805 -13.47 -3.70 -16.58
C ARG A 805 -14.68 -4.49 -17.04
N HIS A 806 -14.59 -5.83 -16.99
CA HIS A 806 -15.74 -6.67 -17.30
C HIS A 806 -16.74 -6.62 -16.15
N ASN A 807 -18.06 -6.71 -16.43
CA ASN A 807 -19.05 -6.67 -15.35
C ASN A 807 -18.91 -7.85 -14.36
N ASP A 808 -18.06 -8.83 -14.68
CA ASP A 808 -17.80 -9.97 -13.84
C ASP A 808 -17.03 -9.58 -12.58
N ASN A 809 -16.09 -8.61 -12.71
CA ASN A 809 -15.28 -8.11 -11.61
C ASN A 809 -15.92 -6.93 -10.87
N ILE A 810 -17.22 -6.76 -10.98
CA ILE A 810 -17.95 -5.71 -10.28
C ILE A 810 -19.01 -6.43 -9.51
N MET A 811 -19.00 -6.30 -8.19
CA MET A 811 -19.99 -6.95 -7.35
C MET A 811 -20.99 -5.95 -6.79
N ILE A 812 -22.09 -6.46 -6.23
CA ILE A 812 -23.08 -5.64 -5.55
C ILE A 812 -23.67 -6.43 -4.36
N THR A 813 -23.80 -5.80 -3.20
CA THR A 813 -24.36 -6.45 -2.01
C THR A 813 -25.87 -6.41 -2.08
N GLU A 814 -26.57 -7.23 -1.29
CA GLU A 814 -28.03 -7.25 -1.27
C GLU A 814 -28.65 -5.93 -0.76
N THR A 815 -27.84 -5.02 -0.21
CA THR A 815 -28.23 -3.70 0.31
C THR A 815 -27.87 -2.54 -0.66
N GLY A 816 -27.78 -2.84 -1.96
CA GLY A 816 -27.48 -1.87 -3.00
C GLY A 816 -26.05 -1.40 -3.10
N ASN A 817 -25.11 -1.95 -2.27
CA ASN A 817 -23.73 -1.48 -2.30
C ASN A 817 -22.92 -2.11 -3.42
N LEU A 818 -22.68 -1.34 -4.49
CA LEU A 818 -21.87 -1.79 -5.64
C LEU A 818 -20.41 -1.55 -5.32
N PHE A 819 -19.50 -2.48 -5.72
CA PHE A 819 -18.05 -2.39 -5.51
C PHE A 819 -17.25 -3.07 -6.58
N HIS A 820 -16.08 -2.55 -6.90
CA HIS A 820 -15.20 -3.14 -7.90
C HIS A 820 -14.21 -4.11 -7.24
N ILE A 821 -13.89 -5.23 -7.89
CA ILE A 821 -12.95 -6.21 -7.33
C ILE A 821 -11.84 -6.63 -8.32
N ASP A 822 -10.78 -7.32 -7.84
CA ASP A 822 -9.71 -7.93 -8.65
C ASP A 822 -8.90 -6.98 -9.52
N PHE A 823 -8.04 -6.20 -8.91
CA PHE A 823 -7.22 -5.22 -9.62
C PHE A 823 -5.84 -5.74 -10.06
N GLY A 824 -5.61 -7.05 -9.94
CA GLY A 824 -4.36 -7.64 -10.39
C GLY A 824 -4.16 -7.60 -11.91
N HIS A 825 -5.22 -7.20 -12.65
CA HIS A 825 -5.22 -7.09 -14.11
C HIS A 825 -4.27 -5.96 -14.63
N ILE A 826 -4.72 -4.67 -14.67
CA ILE A 826 -3.89 -3.55 -15.12
C ILE A 826 -3.07 -3.00 -13.95
N GLU A 839 -11.53 0.01 -29.59
CA GLU A 839 -12.75 0.34 -28.86
C GLU A 839 -12.57 0.07 -27.38
N ARG A 840 -12.84 1.09 -26.55
CA ARG A 840 -12.69 1.07 -25.09
C ARG A 840 -13.71 2.04 -24.39
N VAL A 841 -13.76 2.08 -23.04
CA VAL A 841 -14.64 2.98 -22.26
C VAL A 841 -13.95 3.58 -21.02
N PRO A 842 -14.36 4.79 -20.58
CA PRO A 842 -13.73 5.40 -19.39
C PRO A 842 -14.05 4.69 -18.08
N PHE A 843 -15.31 4.25 -17.91
CA PHE A 843 -15.80 3.51 -16.75
C PHE A 843 -17.11 2.76 -17.03
N VAL A 844 -17.42 1.77 -16.20
CA VAL A 844 -18.60 0.94 -16.35
C VAL A 844 -19.88 1.62 -15.87
N LEU A 845 -20.72 2.03 -16.82
CA LEU A 845 -22.03 2.60 -16.55
C LEU A 845 -22.97 1.95 -17.58
N THR A 846 -23.16 0.62 -17.43
CA THR A 846 -23.98 -0.18 -18.35
C THR A 846 -25.48 0.16 -18.22
N PRO A 847 -26.27 -0.13 -19.25
CA PRO A 847 -27.71 0.19 -19.18
C PRO A 847 -28.51 -0.49 -18.06
N ASP A 848 -27.88 -1.39 -17.27
CA ASP A 848 -28.58 -2.03 -16.16
C ASP A 848 -28.52 -1.12 -14.93
N PHE A 849 -27.34 -0.51 -14.69
CA PHE A 849 -27.08 0.46 -13.61
C PHE A 849 -27.99 1.66 -13.84
N LEU A 850 -28.05 2.15 -15.09
CA LEU A 850 -28.86 3.29 -15.49
C LEU A 850 -30.34 3.03 -15.31
N PHE A 851 -30.79 1.78 -15.52
CA PHE A 851 -32.19 1.39 -15.31
C PHE A 851 -32.58 1.52 -13.83
N VAL A 852 -31.65 1.22 -12.93
CA VAL A 852 -31.88 1.36 -11.50
C VAL A 852 -32.13 2.86 -11.17
N MET A 853 -31.39 3.76 -11.84
CA MET A 853 -31.48 5.21 -11.68
C MET A 853 -32.64 5.89 -12.42
N GLY A 854 -33.49 5.12 -13.09
CA GLY A 854 -34.67 5.63 -13.79
C GLY A 854 -34.47 6.15 -15.21
N THR A 855 -33.27 6.00 -15.77
CA THR A 855 -33.00 6.47 -17.14
C THR A 855 -32.98 5.28 -18.12
N SER A 856 -33.60 5.47 -19.29
CA SER A 856 -33.68 4.41 -20.29
C SER A 856 -32.98 4.83 -21.59
N GLY A 857 -31.78 5.38 -21.47
CA GLY A 857 -31.00 5.82 -22.62
C GLY A 857 -31.56 7.06 -23.30
N LYS A 858 -30.88 8.22 -23.14
CA LYS A 858 -31.28 9.52 -23.71
C LYS A 858 -32.60 10.04 -23.11
N LYS A 859 -32.61 10.19 -21.76
CA LYS A 859 -33.73 10.66 -20.93
C LYS A 859 -33.18 10.95 -19.52
N THR A 860 -33.59 12.06 -18.87
CA THR A 860 -33.07 12.39 -17.54
C THR A 860 -34.09 12.21 -16.39
N SER A 861 -33.72 11.39 -15.41
CA SER A 861 -34.53 11.06 -14.22
C SER A 861 -33.93 11.71 -12.95
N PRO A 862 -34.70 11.85 -11.83
CA PRO A 862 -34.14 12.46 -10.62
C PRO A 862 -32.88 11.79 -10.06
N HIS A 863 -32.80 10.45 -10.12
CA HIS A 863 -31.62 9.75 -9.64
C HIS A 863 -30.43 9.91 -10.56
N PHE A 864 -30.65 10.15 -11.86
CA PHE A 864 -29.56 10.42 -12.79
C PHE A 864 -29.00 11.82 -12.48
N GLN A 865 -29.86 12.79 -12.14
CA GLN A 865 -29.43 14.14 -11.76
C GLN A 865 -28.54 14.05 -10.48
N LYS A 866 -28.92 13.16 -9.55
CA LYS A 866 -28.25 12.89 -8.28
C LYS A 866 -26.89 12.24 -8.52
N PHE A 867 -26.84 11.25 -9.43
CA PHE A 867 -25.62 10.56 -9.80
C PHE A 867 -24.66 11.53 -10.50
N GLN A 868 -25.13 12.35 -11.47
CA GLN A 868 -24.25 13.31 -12.15
C GLN A 868 -23.74 14.35 -11.15
N ASP A 869 -24.62 14.78 -10.22
CA ASP A 869 -24.29 15.74 -9.17
C ASP A 869 -23.16 15.23 -8.29
N ILE A 870 -23.33 14.05 -7.64
CA ILE A 870 -22.29 13.48 -6.79
C ILE A 870 -21.04 13.17 -7.58
N CYS A 871 -21.19 12.71 -8.83
CA CYS A 871 -20.03 12.40 -9.68
C CYS A 871 -19.07 13.57 -9.84
N VAL A 872 -19.55 14.70 -10.37
CA VAL A 872 -18.69 15.87 -10.59
C VAL A 872 -18.22 16.48 -9.26
N LYS A 873 -19.03 16.41 -8.19
CA LYS A 873 -18.62 16.95 -6.89
C LYS A 873 -17.49 16.10 -6.28
N ALA A 874 -17.54 14.77 -6.49
CA ALA A 874 -16.49 13.85 -6.07
C ALA A 874 -15.27 14.09 -6.94
N TYR A 875 -15.46 14.27 -8.26
CA TYR A 875 -14.38 14.54 -9.20
C TYR A 875 -13.66 15.84 -8.87
N LEU A 876 -14.40 16.93 -8.59
CA LEU A 876 -13.84 18.22 -8.21
C LEU A 876 -13.07 18.05 -6.89
N ALA A 877 -13.65 17.33 -5.90
CA ALA A 877 -13.00 17.06 -4.61
C ALA A 877 -11.67 16.35 -4.77
N LEU A 878 -11.53 15.46 -5.77
CA LEU A 878 -10.26 14.77 -5.99
C LEU A 878 -9.27 15.68 -6.67
N ARG A 879 -9.73 16.52 -7.63
CA ARG A 879 -8.88 17.45 -8.36
C ARG A 879 -8.13 18.42 -7.41
N HIS A 880 -8.73 18.71 -6.23
CA HIS A 880 -8.10 19.55 -5.21
C HIS A 880 -6.85 18.94 -4.61
N HIS A 881 -6.66 17.60 -4.76
CA HIS A 881 -5.49 16.89 -4.26
C HIS A 881 -4.73 16.24 -5.40
N THR A 882 -4.72 16.90 -6.58
CA THR A 882 -4.09 16.41 -7.79
C THR A 882 -2.68 15.93 -7.56
N ASN A 883 -1.85 16.74 -6.90
CA ASN A 883 -0.47 16.39 -6.61
C ASN A 883 -0.36 15.18 -5.73
N LEU A 884 -1.26 15.00 -4.75
CA LEU A 884 -1.21 13.82 -3.87
C LEU A 884 -1.53 12.55 -4.70
N LEU A 885 -2.59 12.57 -5.49
CA LEU A 885 -2.96 11.45 -6.34
C LEU A 885 -1.90 11.14 -7.43
N ILE A 886 -1.27 12.16 -8.05
CA ILE A 886 -0.21 11.97 -9.04
C ILE A 886 1.00 11.28 -8.43
N ILE A 887 1.35 11.69 -7.24
CA ILE A 887 2.53 11.22 -6.56
C ILE A 887 2.34 9.79 -6.03
N LEU A 888 1.15 9.45 -5.52
CA LEU A 888 0.84 8.11 -5.05
C LEU A 888 0.83 7.16 -6.23
N PHE A 889 0.22 7.56 -7.34
CA PHE A 889 0.12 6.81 -8.56
C PHE A 889 1.48 6.55 -9.17
N SER A 890 2.31 7.59 -9.37
CA SER A 890 3.64 7.42 -9.93
C SER A 890 4.49 6.47 -9.08
N MET A 891 4.35 6.51 -7.74
CA MET A 891 5.05 5.63 -6.80
C MET A 891 4.50 4.21 -6.87
N MET A 892 3.20 4.05 -7.12
CA MET A 892 2.56 2.74 -7.24
C MET A 892 3.14 1.99 -8.44
N LEU A 893 3.31 2.70 -9.57
CA LEU A 893 3.87 2.13 -10.78
C LEU A 893 5.36 1.73 -10.68
N MET A 894 6.13 2.38 -9.81
CA MET A 894 7.55 2.06 -9.66
C MET A 894 7.84 0.97 -8.66
N THR A 895 7.07 0.92 -7.60
CA THR A 895 7.25 -0.05 -6.55
C THR A 895 6.30 -1.26 -6.63
N GLY A 896 5.35 -1.29 -7.56
CA GLY A 896 4.38 -2.37 -7.62
C GLY A 896 4.14 -3.15 -8.89
N MET A 897 4.53 -2.60 -10.05
CA MET A 897 4.32 -3.25 -11.35
C MET A 897 5.62 -3.92 -11.91
N PRO A 898 5.52 -4.79 -12.94
CA PRO A 898 6.75 -5.40 -13.53
C PRO A 898 7.79 -4.35 -13.98
N GLN A 899 7.38 -3.39 -14.85
CA GLN A 899 8.15 -2.23 -15.31
C GLN A 899 7.25 -1.15 -15.96
N LEU A 900 7.39 0.12 -15.49
CA LEU A 900 6.61 1.27 -15.97
C LEU A 900 7.55 2.42 -16.39
N THR A 901 7.42 2.91 -17.64
CA THR A 901 8.23 4.02 -18.19
C THR A 901 8.01 5.33 -17.44
N SER A 902 9.12 5.90 -16.91
CA SER A 902 9.21 7.11 -16.08
C SER A 902 8.77 8.44 -16.73
N LYS A 903 8.08 8.40 -17.89
CA LYS A 903 7.63 9.62 -18.56
C LYS A 903 6.39 9.43 -19.45
N GLU A 904 5.86 8.20 -19.57
CA GLU A 904 4.69 7.95 -20.44
C GLU A 904 3.52 7.28 -19.74
N ASP A 905 3.80 6.23 -18.96
CA ASP A 905 2.76 5.47 -18.26
C ASP A 905 2.05 6.29 -17.19
N ILE A 906 2.76 7.26 -16.58
CA ILE A 906 2.22 8.10 -15.53
C ILE A 906 1.35 9.22 -16.09
N GLU A 907 1.77 9.80 -17.22
CA GLU A 907 1.08 10.91 -17.89
C GLU A 907 -0.42 10.72 -18.06
N TYR A 908 -0.94 9.49 -17.97
CA TYR A 908 -2.37 9.25 -18.08
C TYR A 908 -3.13 9.98 -16.95
N ILE A 909 -2.63 9.92 -15.70
CA ILE A 909 -3.32 10.51 -14.56
C ILE A 909 -3.39 12.05 -14.65
N ARG A 910 -2.43 12.69 -15.34
CA ARG A 910 -2.47 14.14 -15.53
C ARG A 910 -3.67 14.47 -16.44
N ASP A 911 -3.80 13.72 -17.54
CA ASP A 911 -4.88 13.85 -18.52
C ASP A 911 -6.24 13.49 -17.90
N ALA A 912 -6.26 12.53 -16.97
CA ALA A 912 -7.47 12.10 -16.29
C ALA A 912 -7.94 13.17 -15.32
N LEU A 913 -7.00 13.76 -14.57
CA LEU A 913 -7.33 14.83 -13.61
C LEU A 913 -7.33 16.23 -14.24
N THR A 914 -7.15 16.33 -15.58
CA THR A 914 -7.10 17.55 -16.38
C THR A 914 -6.30 18.67 -15.70
N VAL A 915 -4.99 18.52 -15.68
CA VAL A 915 -4.10 19.47 -15.06
C VAL A 915 -4.13 20.79 -15.81
N GLY A 916 -4.21 21.88 -15.06
CA GLY A 916 -4.18 23.23 -15.61
C GLY A 916 -5.46 23.76 -16.20
N LYS A 917 -6.57 23.01 -16.05
CA LYS A 917 -7.85 23.48 -16.59
C LYS A 917 -8.76 24.06 -15.50
N ASN A 918 -9.73 24.90 -15.91
CA ASN A 918 -10.64 25.51 -14.95
C ASN A 918 -11.67 24.49 -14.41
N GLU A 919 -12.40 24.84 -13.34
CA GLU A 919 -13.36 23.95 -12.68
C GLU A 919 -14.64 23.62 -13.47
N GLU A 920 -14.78 24.09 -14.72
CA GLU A 920 -15.99 23.79 -15.50
C GLU A 920 -15.66 23.05 -16.80
N ASP A 921 -14.49 23.37 -17.41
CA ASP A 921 -14.02 22.68 -18.62
C ASP A 921 -13.72 21.20 -18.31
N ALA A 922 -13.25 20.92 -17.05
CA ALA A 922 -12.98 19.58 -16.51
C ALA A 922 -14.30 18.88 -16.17
N LYS A 923 -15.28 19.62 -15.59
CA LYS A 923 -16.64 19.14 -15.31
C LYS A 923 -17.26 18.65 -16.63
N LYS A 924 -17.02 19.39 -17.72
CA LYS A 924 -17.46 19.04 -19.05
C LYS A 924 -16.82 17.71 -19.46
N TYR A 925 -15.47 17.62 -19.45
CA TYR A 925 -14.71 16.41 -19.78
C TYR A 925 -15.25 15.16 -19.10
N PHE A 926 -15.59 15.25 -17.80
CA PHE A 926 -16.15 14.12 -17.05
C PHE A 926 -17.59 13.81 -17.48
N LEU A 927 -18.41 14.85 -17.70
CA LEU A 927 -19.78 14.67 -18.17
C LEU A 927 -19.81 14.03 -19.57
N ASP A 928 -18.75 14.24 -20.39
CA ASP A 928 -18.58 13.65 -21.71
C ASP A 928 -18.30 12.14 -21.54
N GLN A 929 -17.47 11.77 -20.55
CA GLN A 929 -17.16 10.38 -20.23
C GLN A 929 -18.40 9.61 -19.76
N ILE A 930 -19.40 10.31 -19.17
CA ILE A 930 -20.66 9.69 -18.77
C ILE A 930 -21.39 9.27 -20.07
N GLU A 931 -21.46 10.21 -21.05
CA GLU A 931 -22.10 10.00 -22.34
C GLU A 931 -21.42 8.96 -23.22
N VAL A 932 -20.10 8.76 -23.06
CA VAL A 932 -19.37 7.76 -23.87
C VAL A 932 -19.86 6.35 -23.51
N CYS A 933 -19.97 6.06 -22.20
CA CYS A 933 -20.42 4.77 -21.68
C CYS A 933 -21.91 4.46 -21.98
N ARG A 934 -22.70 5.51 -22.28
CA ARG A 934 -24.12 5.42 -22.66
C ARG A 934 -24.28 5.19 -24.16
N ASP A 935 -23.32 5.67 -24.98
CA ASP A 935 -23.39 5.49 -26.43
C ASP A 935 -23.10 4.02 -26.78
N LYS A 936 -22.08 3.45 -26.09
CA LYS A 936 -21.63 2.08 -26.23
C LYS A 936 -22.63 1.09 -25.60
N GLY A 937 -23.11 1.41 -24.40
CA GLY A 937 -24.03 0.56 -23.66
C GLY A 937 -23.39 -0.76 -23.29
N TRP A 938 -23.70 -1.80 -24.06
CA TRP A 938 -23.18 -3.15 -23.87
C TRP A 938 -22.17 -3.57 -24.96
N THR A 939 -21.66 -2.62 -25.76
CA THR A 939 -20.78 -2.97 -26.88
C THR A 939 -19.44 -3.53 -26.38
N VAL A 940 -18.82 -2.87 -25.41
CA VAL A 940 -17.54 -3.33 -24.86
C VAL A 940 -17.73 -4.60 -24.03
N GLN A 941 -18.86 -4.71 -23.32
CA GLN A 941 -19.17 -5.89 -22.51
C GLN A 941 -19.28 -7.19 -23.32
N PHE A 942 -19.81 -7.14 -24.56
CA PHE A 942 -19.92 -8.33 -25.43
C PHE A 942 -18.51 -8.85 -25.79
N ASN A 943 -17.61 -7.92 -26.10
CA ASN A 943 -16.24 -8.23 -26.47
C ASN A 943 -15.52 -8.92 -25.31
N TRP A 944 -15.82 -8.54 -24.05
CA TRP A 944 -15.24 -9.17 -22.88
C TRP A 944 -15.58 -10.66 -22.77
N PHE A 945 -16.69 -11.11 -23.40
CA PHE A 945 -17.05 -12.52 -23.42
C PHE A 945 -16.45 -13.27 -24.63
N LEU A 946 -16.18 -12.56 -25.72
CA LEU A 946 -15.51 -13.15 -26.88
C LEU A 946 -13.98 -13.27 -26.57
N HIS A 947 -13.43 -12.36 -25.73
CA HIS A 947 -12.02 -12.37 -25.32
C HIS A 947 -11.72 -13.49 -24.32
N LEU A 948 -12.72 -13.97 -23.57
CA LEU A 948 -12.52 -15.07 -22.64
C LEU A 948 -12.91 -16.46 -23.25
N VAL A 949 -13.15 -16.50 -24.59
CA VAL A 949 -13.45 -17.72 -25.36
C VAL A 949 -12.56 -17.81 -26.61
#